data_7O0H
#
_entry.id   7O0H
#
_cell.length_a   158.516
_cell.length_b   107.558
_cell.length_c   118.090
_cell.angle_alpha   90.000
_cell.angle_beta   98.720
_cell.angle_gamma   90.000
#
_symmetry.space_group_name_H-M   'C 1 2 1'
#
loop_
_entity.id
_entity.type
_entity.pdbx_description
1 polymer Pr125Pol
2 polymer "DNA (5'-D(*AP*AP*CP*AP*GP*AP*GP*TP*GP*CP*GP*AP*CP*AP*C)-3')"
3 polymer "DNA (5'-D(*GP*TP*GP*TP*CP*GP*CP*AP*CP*TP*CP*TP*G)-3')"
#
loop_
_entity_poly.entity_id
_entity_poly.type
_entity_poly.pdbx_seq_one_letter_code
_entity_poly.pdbx_strand_id
1 'polypeptide(L)'
;MTTPPLLQLPVEVKKTELNGFWDTGAQITCIPEAFLKEEIPIGEAQIKTLHGTKLQSVYYLKFKVLGRKVEAEVTTSPFD
YVIISPSDIPWYKPQPLELTVKLPVQDFKKELINKANINNEEKKQLAKLLDKYDVLWQQWENQVGHRKIPPHNIATGTVA
PRPQRQYHINTKAKPSIQQVIDDLLKQGVLIKQTSVMNTPIYPVPKPDGKWRMVLDYRAVNKTVPLIGAQNQHSLGILTN
LVRQKYKSTIDLSNGFWAHPITKDSQWITAFTWEGKQHVWTRLPQGFLNSPALFTADVVDLLKNIPGISVYVDDIYFSTE
TVSEHLKILEKVFKILLEAGYIVSLKKSALLRYEVTFLGFSITQTGRGLTSEFKDKIQNITSPRTLKELQSILGLFNFAR
NFVPNFSEIIKPLYSLISTAEGNNIKWTSEHTRYLEEIVSALNHAGNLEQRDNESPLVVKLNASPKTGYIRYYNKGGQKP
IAYASHVFTNTELKFTPLEKLLVTMHKALIKAIDLALGQPIEVYSPIISMQKLQKTPLPERKALSTRWITWLSYLEDPRI
TFYYDKTLPDLKNVPETVTDKKPKMLPII
;
A,B
2 'polydeoxyribonucleotide' (DA)(DA)(DC)(DA)(DG)(DA)(DG)(DT)(DG)(DC)(DG)(DA)(DC)(DA)(DC) E
3 'polydeoxyribonucleotide' (DG)(DT)(DG)(DT)(DC)(DG)(DC)(DA)(DC)(DT)(DC)(DT)(DG) F
#
# COMPACT_ATOMS: atom_id res chain seq x y z
N PRO A 5 -1.85 -20.49 -37.99
CA PRO A 5 -2.03 -19.07 -37.67
C PRO A 5 -1.18 -18.63 -36.47
N LEU A 6 -0.10 -17.90 -36.77
CA LEU A 6 0.76 -17.42 -35.69
C LEU A 6 0.25 -16.12 -35.10
N LEU A 7 -0.13 -15.17 -35.96
CA LEU A 7 -0.52 -13.81 -35.55
C LEU A 7 0.58 -13.14 -34.72
N GLN A 8 1.80 -13.67 -34.84
CA GLN A 8 3.02 -13.05 -34.33
C GLN A 8 4.17 -13.74 -35.05
N LEU A 9 5.07 -12.95 -35.63
CA LEU A 9 6.03 -13.51 -36.56
C LEU A 9 7.41 -13.60 -35.94
N PRO A 10 8.09 -14.74 -36.06
CA PRO A 10 9.46 -14.85 -35.54
C PRO A 10 10.39 -13.90 -36.28
N VAL A 11 11.03 -13.01 -35.53
CA VAL A 11 11.93 -12.01 -36.06
C VAL A 11 13.28 -12.17 -35.37
N GLU A 12 14.34 -12.29 -36.16
CA GLU A 12 15.69 -12.51 -35.64
C GLU A 12 16.54 -11.26 -35.88
N VAL A 13 17.03 -10.66 -34.80
CA VAL A 13 17.87 -9.47 -34.85
C VAL A 13 19.12 -9.73 -34.01
N LYS A 14 20.28 -9.41 -34.57
CA LYS A 14 21.56 -9.55 -33.88
C LYS A 14 21.74 -10.96 -33.31
N LYS A 15 21.39 -11.96 -34.14
CA LYS A 15 21.48 -13.37 -33.78
C LYS A 15 20.61 -13.69 -32.55
N THR A 16 19.59 -12.86 -32.34
CA THR A 16 18.62 -13.07 -31.23
C THR A 16 17.22 -13.27 -31.84
N GLU A 17 16.27 -13.72 -31.03
CA GLU A 17 14.92 -14.00 -31.52
C GLU A 17 13.89 -13.26 -30.67
N LEU A 18 13.13 -12.39 -31.31
CA LEU A 18 12.00 -11.71 -30.66
C LEU A 18 10.68 -12.10 -31.31
N ASN A 19 9.64 -11.31 -31.08
CA ASN A 19 8.38 -11.46 -31.79
C ASN A 19 8.05 -10.17 -32.52
N GLY A 20 7.65 -10.29 -33.78
CA GLY A 20 7.30 -9.14 -34.60
C GLY A 20 5.82 -9.13 -34.91
N PHE A 21 5.19 -7.99 -34.66
CA PHE A 21 3.77 -7.82 -34.93
C PHE A 21 3.55 -7.00 -36.19
N TRP A 22 2.66 -7.49 -37.05
CA TRP A 22 2.44 -6.92 -38.38
C TRP A 22 1.38 -5.84 -38.27
N ASP A 23 1.82 -4.58 -38.20
CA ASP A 23 0.95 -3.45 -37.92
C ASP A 23 0.66 -2.70 -39.22
N THR A 24 -0.60 -2.77 -39.68
CA THR A 24 -0.97 -2.04 -40.89
C THR A 24 -0.82 -0.53 -40.71
N GLY A 25 -1.18 -0.01 -39.54
CA GLY A 25 -1.01 1.37 -39.19
C GLY A 25 0.41 1.82 -38.94
N ALA A 26 1.40 0.95 -39.15
CA ALA A 26 2.79 1.30 -38.92
C ALA A 26 3.39 1.86 -40.20
N GLN A 27 3.63 3.18 -40.21
CA GLN A 27 4.31 3.79 -41.33
C GLN A 27 5.76 3.33 -41.42
N ILE A 28 6.34 2.88 -40.32
CA ILE A 28 7.73 2.45 -40.27
C ILE A 28 7.87 1.31 -39.27
N THR A 29 8.71 0.33 -39.61
CA THR A 29 9.09 -0.71 -38.68
C THR A 29 9.87 -0.12 -37.50
N CYS A 30 9.36 -0.34 -36.29
CA CYS A 30 10.09 0.01 -35.09
C CYS A 30 10.89 -1.20 -34.62
N ILE A 31 11.68 -1.02 -33.56
CA ILE A 31 12.50 -2.10 -33.03
C ILE A 31 12.95 -1.75 -31.61
N PRO A 32 13.01 -2.71 -30.69
CA PRO A 32 13.47 -2.41 -29.32
C PRO A 32 14.80 -1.67 -29.31
N GLU A 33 14.87 -0.68 -28.42
CA GLU A 33 15.99 0.26 -28.40
C GLU A 33 17.32 -0.43 -28.14
N ALA A 34 17.31 -1.57 -27.45
CA ALA A 34 18.54 -2.26 -27.10
C ALA A 34 19.34 -2.70 -28.34
N PHE A 35 18.71 -2.78 -29.51
CA PHE A 35 19.38 -3.23 -30.71
C PHE A 35 19.93 -2.09 -31.56
N LEU A 36 19.46 -0.85 -31.35
CA LEU A 36 19.93 0.30 -32.09
C LEU A 36 20.96 1.13 -31.34
N LYS A 37 21.36 0.69 -30.13
CA LYS A 37 22.26 1.49 -29.32
C LYS A 37 23.67 1.56 -29.91
N GLU A 38 24.04 0.62 -30.77
CA GLU A 38 25.35 0.61 -31.40
C GLU A 38 25.36 1.18 -32.81
N GLU A 39 24.19 1.37 -33.41
CA GLU A 39 24.12 1.79 -34.80
C GLU A 39 24.15 3.32 -34.91
N ILE A 40 24.37 3.81 -36.12
CA ILE A 40 24.51 5.23 -36.39
C ILE A 40 23.21 5.72 -37.00
N PRO A 41 22.55 6.74 -36.43
CA PRO A 41 21.32 7.25 -37.04
C PRO A 41 21.58 7.83 -38.42
N ILE A 42 20.57 7.71 -39.29
CA ILE A 42 20.63 8.22 -40.65
C ILE A 42 19.62 9.31 -40.91
N GLY A 43 18.66 9.52 -40.03
CA GLY A 43 17.67 10.57 -40.23
C GLY A 43 16.90 10.82 -38.96
N GLU A 44 16.18 11.94 -38.95
CA GLU A 44 15.36 12.33 -37.81
C GLU A 44 13.98 12.72 -38.33
N ALA A 45 12.94 12.09 -37.79
CA ALA A 45 11.59 12.33 -38.28
C ALA A 45 10.60 12.19 -37.14
N GLN A 46 9.57 13.03 -37.16
CA GLN A 46 8.47 12.89 -36.21
C GLN A 46 7.78 11.55 -36.43
N ILE A 47 7.54 10.81 -35.35
CA ILE A 47 6.99 9.47 -35.42
C ILE A 47 5.74 9.41 -34.57
N LYS A 48 4.67 8.84 -35.13
CA LYS A 48 3.38 8.78 -34.43
C LYS A 48 3.46 7.79 -33.28
N THR A 49 3.20 8.28 -32.06
CA THR A 49 3.08 7.43 -30.88
C THR A 49 1.81 7.85 -30.13
N LEU A 50 1.53 7.14 -29.03
CA LEU A 50 0.35 7.45 -28.24
C LEU A 50 0.55 8.76 -27.47
N HIS A 51 1.73 8.96 -26.89
CA HIS A 51 2.05 10.21 -26.22
C HIS A 51 3.29 10.85 -26.83
N THR A 53 3.34 11.24 -30.60
CA THR A 53 3.90 11.91 -31.76
C THR A 53 5.32 12.40 -31.48
N LYS A 54 5.99 11.75 -30.53
CA LYS A 54 7.33 12.16 -30.13
C LYS A 54 8.32 12.01 -31.29
N LEU A 55 9.33 12.87 -31.29
CA LEU A 55 10.29 12.96 -32.38
C LEU A 55 11.44 11.99 -32.12
N GLN A 56 11.53 10.96 -32.96
CA GLN A 56 12.55 9.92 -32.84
C GLN A 56 13.51 9.99 -34.02
N SER A 57 14.56 9.17 -33.95
CA SER A 57 15.61 9.16 -34.95
C SER A 57 15.59 7.85 -35.72
N VAL A 58 15.80 7.95 -37.04
CA VAL A 58 15.69 6.81 -37.95
C VAL A 58 17.05 6.16 -38.13
N TYR A 59 17.04 4.84 -38.31
CA TYR A 59 18.24 4.04 -38.49
C TYR A 59 18.15 3.26 -39.80
N TYR A 60 19.17 2.43 -40.06
CA TYR A 60 19.21 1.56 -41.22
C TYR A 60 19.76 0.22 -40.76
N LEU A 61 18.91 -0.81 -40.74
CA LEU A 61 19.25 -2.08 -40.12
C LEU A 61 18.87 -3.25 -41.01
N LYS A 62 19.69 -4.29 -40.96
CA LYS A 62 19.40 -5.56 -41.62
C LYS A 62 19.03 -6.60 -40.58
N PHE A 63 18.10 -7.47 -40.93
CA PHE A 63 17.63 -8.53 -40.03
C PHE A 63 16.91 -9.57 -40.88
N LYS A 64 16.03 -10.35 -40.26
CA LYS A 64 15.33 -11.39 -40.98
C LYS A 64 14.07 -11.80 -40.20
N VAL A 65 12.98 -11.99 -40.93
CA VAL A 65 11.70 -12.43 -40.38
C VAL A 65 11.29 -13.70 -41.10
N LEU A 66 10.69 -14.63 -40.35
CA LEU A 66 10.34 -15.96 -40.82
C LEU A 66 11.54 -16.71 -41.40
N GLY A 67 12.76 -16.22 -41.18
CA GLY A 67 13.95 -16.83 -41.71
C GLY A 67 14.51 -16.18 -42.95
N ARG A 68 13.79 -15.28 -43.58
CA ARG A 68 14.20 -14.70 -44.85
C ARG A 68 14.88 -13.37 -44.56
N LYS A 69 16.07 -13.19 -45.11
CA LYS A 69 16.80 -11.95 -44.87
C LYS A 69 16.05 -10.76 -45.45
N VAL A 70 15.96 -9.69 -44.65
CA VAL A 70 15.32 -8.44 -45.06
C VAL A 70 16.11 -7.29 -44.46
N GLU A 71 15.78 -6.07 -44.90
CA GLU A 71 16.47 -4.88 -44.43
C GLU A 71 15.72 -3.64 -44.89
N ALA A 72 15.65 -2.63 -44.02
CA ALA A 72 15.09 -1.32 -44.36
C ALA A 72 15.36 -0.31 -43.25
N GLU A 73 14.56 0.76 -43.22
CA GLU A 73 14.72 1.82 -42.24
C GLU A 73 13.89 1.51 -41.00
N VAL A 74 14.53 1.48 -39.84
CA VAL A 74 13.86 1.15 -38.59
C VAL A 74 13.84 2.37 -37.67
N THR A 75 13.37 2.18 -36.44
CA THR A 75 13.42 3.19 -35.40
C THR A 75 13.20 2.50 -34.07
N THR A 76 13.52 3.21 -32.99
CA THR A 76 13.39 2.63 -31.66
C THR A 76 11.92 2.37 -31.32
N SER A 77 11.69 1.28 -30.58
CA SER A 77 10.35 0.90 -30.15
C SER A 77 10.22 1.02 -28.63
N PRO A 78 9.03 1.38 -28.14
CA PRO A 78 8.83 1.42 -26.68
C PRO A 78 8.71 0.06 -26.05
N PHE A 79 8.58 -1.01 -26.83
CA PHE A 79 8.28 -2.34 -26.33
C PHE A 79 9.42 -3.30 -26.63
N ASP A 80 9.31 -4.50 -26.07
CA ASP A 80 10.29 -5.56 -26.29
C ASP A 80 9.98 -6.38 -27.54
N TYR A 81 9.08 -5.90 -28.40
CA TYR A 81 8.77 -6.59 -29.64
C TYR A 81 8.91 -5.62 -30.80
N VAL A 82 8.87 -6.17 -32.01
CA VAL A 82 9.10 -5.41 -33.24
C VAL A 82 7.77 -5.09 -33.89
N ILE A 83 7.48 -3.80 -34.05
CA ILE A 83 6.40 -3.37 -34.91
C ILE A 83 6.91 -3.41 -36.35
N ILE A 84 6.12 -3.97 -37.25
CA ILE A 84 6.55 -4.23 -38.62
C ILE A 84 5.68 -3.42 -39.58
N SER A 85 6.30 -2.52 -40.32
CA SER A 85 5.62 -1.87 -41.44
C SER A 85 5.37 -2.92 -42.51
N PRO A 86 4.12 -3.15 -42.93
CA PRO A 86 3.86 -4.22 -43.91
C PRO A 86 4.61 -4.04 -45.21
N SER A 87 4.89 -2.80 -45.61
CA SER A 87 5.66 -2.55 -46.83
C SER A 87 7.06 -3.13 -46.77
N ASP A 88 7.55 -3.44 -45.56
CA ASP A 88 8.90 -4.00 -45.41
C ASP A 88 8.95 -5.48 -45.77
N ILE A 89 7.82 -6.16 -45.84
CA ILE A 89 7.77 -7.56 -46.24
C ILE A 89 6.63 -7.75 -47.23
N PRO A 90 6.78 -7.30 -48.47
CA PRO A 90 5.68 -7.42 -49.44
C PRO A 90 5.32 -8.85 -49.77
N TRP A 91 6.23 -9.81 -49.54
CA TRP A 91 5.92 -11.21 -49.80
C TRP A 91 4.94 -11.76 -48.79
N TYR A 92 5.02 -11.32 -47.54
CA TYR A 92 4.13 -11.82 -46.49
C TYR A 92 2.83 -11.04 -46.50
N LYS A 93 1.72 -11.76 -46.41
CA LYS A 93 0.40 -11.15 -46.28
C LYS A 93 -0.46 -12.03 -45.39
N PRO A 94 -0.91 -11.54 -44.24
CA PRO A 94 -1.77 -12.35 -43.39
C PRO A 94 -3.16 -12.46 -44.00
N GLN A 95 -3.78 -13.58 -43.75
CA GLN A 95 -5.11 -13.78 -44.30
C GLN A 95 -6.16 -13.27 -43.33
N PRO A 96 -7.39 -13.00 -43.80
CA PRO A 96 -8.42 -12.53 -42.87
C PRO A 96 -8.84 -13.59 -41.87
N LEU A 97 -9.87 -13.31 -41.08
CA LEU A 97 -10.22 -14.16 -39.96
C LEU A 97 -11.63 -14.68 -40.19
N GLU A 98 -11.79 -16.00 -40.16
CA GLU A 98 -13.07 -16.66 -40.46
C GLU A 98 -13.35 -17.70 -39.39
N LEU A 99 -14.30 -17.43 -38.51
CA LEU A 99 -14.71 -18.37 -37.48
C LEU A 99 -16.04 -19.03 -37.91
N THR A 100 -17.04 -19.13 -37.05
CA THR A 100 -18.30 -19.80 -37.38
C THR A 100 -19.42 -18.80 -37.61
N VAL A 101 -19.70 -17.93 -36.63
CA VAL A 101 -20.80 -16.99 -36.68
C VAL A 101 -20.24 -15.58 -36.61
N LYS A 102 -20.51 -14.79 -37.64
CA LYS A 102 -20.20 -13.37 -37.63
C LYS A 102 -21.27 -12.61 -36.85
N LEU A 103 -20.87 -11.51 -36.21
CA LEU A 103 -21.83 -10.72 -35.46
C LEU A 103 -22.26 -9.49 -36.24
N PRO A 104 -23.43 -8.92 -35.91
CA PRO A 104 -23.88 -7.68 -36.56
C PRO A 104 -23.23 -6.45 -35.95
N VAL A 105 -21.92 -6.31 -36.19
CA VAL A 105 -21.17 -5.20 -35.61
C VAL A 105 -21.68 -3.87 -36.10
N GLN A 106 -22.15 -3.81 -37.36
CA GLN A 106 -22.78 -2.59 -37.84
C GLN A 106 -24.07 -2.29 -37.09
N ASP A 107 -24.77 -3.34 -36.66
CA ASP A 107 -25.97 -3.14 -35.84
C ASP A 107 -25.59 -2.70 -34.43
N PHE A 108 -24.51 -3.25 -33.89
CA PHE A 108 -24.03 -2.85 -32.57
C PHE A 108 -23.72 -1.36 -32.53
N LYS A 109 -22.99 -0.88 -33.55
CA LYS A 109 -22.67 0.53 -33.64
C LYS A 109 -23.92 1.39 -33.74
N LYS A 110 -24.83 1.01 -34.65
CA LYS A 110 -26.05 1.77 -34.85
C LYS A 110 -26.86 1.85 -33.57
N GLU A 111 -27.05 0.70 -32.90
CA GLU A 111 -27.75 0.69 -31.63
C GLU A 111 -27.05 1.60 -30.61
N LEU A 112 -25.73 1.52 -30.53
CA LEU A 112 -25.00 2.26 -29.51
C LEU A 112 -25.06 3.76 -29.75
N ILE A 113 -25.18 4.18 -31.01
CA ILE A 113 -25.28 5.62 -31.30
C ILE A 113 -26.67 6.13 -30.94
N ASN A 114 -27.72 5.40 -31.31
CA ASN A 114 -29.07 5.86 -31.05
C ASN A 114 -29.35 6.00 -29.57
N LYS A 115 -28.75 5.13 -28.74
CA LYS A 115 -28.88 5.24 -27.29
C LYS A 115 -27.99 6.33 -26.72
N ALA A 116 -27.01 6.81 -27.47
CA ALA A 116 -26.11 7.83 -26.97
C ALA A 116 -26.87 9.14 -26.71
N ASN A 117 -26.48 9.82 -25.63
CA ASN A 117 -27.16 11.03 -25.20
C ASN A 117 -26.49 12.28 -25.75
N ILE A 118 -25.63 12.14 -26.76
CA ILE A 118 -24.97 13.27 -27.40
C ILE A 118 -25.88 13.82 -28.50
N ASN A 119 -25.52 14.97 -29.04
CA ASN A 119 -26.29 15.59 -30.11
C ASN A 119 -25.87 15.05 -31.47
N ASN A 120 -26.64 15.40 -32.51
CA ASN A 120 -26.42 14.83 -33.83
C ASN A 120 -25.04 15.16 -34.36
N GLU A 121 -24.56 16.39 -34.14
CA GLU A 121 -23.20 16.74 -34.50
C GLU A 121 -22.21 15.91 -33.69
N GLU A 122 -22.46 15.78 -32.38
CA GLU A 122 -21.63 14.93 -31.53
C GLU A 122 -21.82 13.46 -31.86
N LYS A 123 -23.04 13.08 -32.28
CA LYS A 123 -23.31 11.71 -32.69
C LYS A 123 -22.51 11.32 -33.93
N LYS A 124 -22.30 12.28 -34.84
CA LYS A 124 -21.50 12.01 -36.02
C LYS A 124 -20.04 11.77 -35.64
N GLN A 125 -19.49 12.64 -34.77
CA GLN A 125 -18.15 12.41 -34.23
C GLN A 125 -18.05 11.01 -33.62
N LEU A 126 -19.11 10.57 -32.95
CA LEU A 126 -19.14 9.24 -32.36
C LEU A 126 -19.13 8.17 -33.44
N ALA A 127 -20.03 8.30 -34.43
CA ALA A 127 -20.15 7.27 -35.46
C ALA A 127 -18.86 7.09 -36.24
N LYS A 128 -18.14 8.19 -36.49
CA LYS A 128 -16.85 8.09 -37.19
C LYS A 128 -15.83 7.33 -36.37
N LEU A 129 -15.85 7.52 -35.06
CA LEU A 129 -14.83 6.93 -34.19
C LEU A 129 -14.94 5.41 -34.15
N LEU A 130 -16.17 4.89 -34.17
CA LEU A 130 -16.35 3.44 -34.12
C LEU A 130 -16.02 2.79 -35.47
N ASP A 131 -16.41 3.42 -36.58
CA ASP A 131 -15.99 2.91 -37.89
C ASP A 131 -14.47 2.97 -38.04
N LYS A 132 -13.83 3.94 -37.39
CA LYS A 132 -12.37 4.05 -37.45
C LYS A 132 -11.72 2.85 -36.77
N TYR A 133 -12.11 2.55 -35.54
CA TYR A 133 -11.56 1.42 -34.81
C TYR A 133 -12.37 0.15 -35.02
N ASP A 134 -12.76 -0.12 -36.27
CA ASP A 134 -13.48 -1.35 -36.58
C ASP A 134 -12.68 -2.59 -36.21
N VAL A 135 -11.34 -2.48 -36.20
CA VAL A 135 -10.48 -3.59 -35.85
C VAL A 135 -10.52 -3.90 -34.35
N LEU A 136 -11.08 -3.01 -33.54
CA LEU A 136 -11.10 -3.18 -32.10
C LEU A 136 -12.28 -3.99 -31.59
N TRP A 137 -13.41 -3.97 -32.30
CA TRP A 137 -14.61 -4.61 -31.81
C TRP A 137 -14.65 -6.09 -32.18
N GLN A 138 -15.24 -6.89 -31.28
CA GLN A 138 -15.47 -8.30 -31.56
C GLN A 138 -16.37 -8.45 -32.76
N GLN A 139 -15.92 -9.25 -33.74
CA GLN A 139 -16.66 -9.43 -34.98
C GLN A 139 -17.18 -10.84 -35.19
N TRP A 140 -16.66 -11.84 -34.48
CA TRP A 140 -17.14 -13.20 -34.58
C TRP A 140 -17.46 -13.75 -33.19
N GLU A 141 -18.30 -14.77 -33.15
CA GLU A 141 -18.51 -15.50 -31.91
C GLU A 141 -17.23 -16.24 -31.55
N ASN A 142 -16.82 -16.11 -30.29
CA ASN A 142 -15.63 -16.76 -29.75
C ASN A 142 -14.35 -16.19 -30.36
N GLN A 143 -14.37 -14.92 -30.75
CA GLN A 143 -13.17 -14.24 -31.21
C GLN A 143 -12.34 -13.80 -30.00
N VAL A 144 -11.05 -14.06 -30.04
CA VAL A 144 -10.17 -13.72 -28.93
C VAL A 144 -9.09 -12.76 -29.42
N GLY A 145 -8.67 -11.87 -28.52
CA GLY A 145 -7.54 -11.01 -28.80
C GLY A 145 -6.23 -11.75 -28.58
N HIS A 146 -5.14 -11.01 -28.75
CA HIS A 146 -3.79 -11.56 -28.55
C HIS A 146 -2.98 -10.51 -27.81
N ARG A 147 -2.91 -10.64 -26.48
CA ARG A 147 -2.20 -9.68 -25.65
C ARG A 147 -0.70 -9.75 -25.90
N LYS A 148 -0.08 -8.60 -26.13
CA LYS A 148 1.35 -8.54 -26.43
C LYS A 148 2.16 -8.41 -25.14
N ILE A 149 2.00 -9.41 -24.28
CA ILE A 149 2.79 -9.53 -23.05
C ILE A 149 3.48 -10.89 -23.07
N PRO A 150 4.60 -11.05 -22.38
CA PRO A 150 5.26 -12.35 -22.37
C PRO A 150 4.37 -13.38 -21.73
N PRO A 151 4.45 -14.63 -22.19
CA PRO A 151 3.51 -15.66 -21.72
C PRO A 151 3.67 -15.95 -20.24
N HIS A 152 2.55 -16.20 -19.57
CA HIS A 152 2.55 -16.54 -18.16
C HIS A 152 3.00 -17.98 -17.96
N ASN A 153 3.75 -18.21 -16.90
CA ASN A 153 4.04 -19.57 -16.43
C ASN A 153 3.11 -19.80 -15.24
N ILE A 154 1.94 -20.39 -15.51
CA ILE A 154 0.92 -20.59 -14.48
C ILE A 154 1.15 -21.87 -13.67
N ALA A 155 2.03 -22.77 -14.12
CA ALA A 155 2.29 -24.03 -13.44
C ALA A 155 3.30 -23.91 -12.30
N THR A 156 3.15 -22.88 -11.46
CA THR A 156 4.11 -22.61 -10.40
C THR A 156 3.97 -23.57 -9.23
N GLY A 157 3.76 -24.86 -9.51
CA GLY A 157 3.57 -25.85 -8.48
C GLY A 157 4.81 -26.68 -8.22
N THR A 158 4.85 -27.28 -7.03
CA THR A 158 5.92 -28.17 -6.64
C THR A 158 5.53 -29.64 -6.70
N VAL A 159 4.26 -29.96 -6.52
CA VAL A 159 3.77 -31.33 -6.60
C VAL A 159 2.82 -31.45 -7.77
N ALA A 160 2.80 -32.62 -8.39
CA ALA A 160 2.02 -32.83 -9.61
C ALA A 160 0.58 -33.20 -9.25
N PRO A 161 -0.40 -32.77 -10.05
CA PRO A 161 -1.80 -33.09 -9.73
C PRO A 161 -2.19 -34.44 -10.31
N ARG A 162 -3.21 -35.05 -9.69
CA ARG A 162 -3.70 -36.34 -10.15
C ARG A 162 -4.69 -36.16 -11.28
N PRO A 163 -4.55 -36.90 -12.39
CA PRO A 163 -5.44 -36.69 -13.53
C PRO A 163 -6.87 -37.09 -13.21
N GLN A 164 -7.81 -36.26 -13.67
CA GLN A 164 -9.24 -36.49 -13.47
C GLN A 164 -9.83 -37.19 -14.69
N ARG A 165 -10.61 -38.24 -14.45
CA ARG A 165 -11.49 -38.76 -15.47
C ARG A 165 -12.58 -37.73 -15.79
N GLN A 166 -12.82 -37.52 -17.08
CA GLN A 166 -13.90 -36.64 -17.48
C GLN A 166 -15.24 -37.19 -17.03
N TYR A 167 -16.08 -36.34 -16.45
CA TYR A 167 -17.41 -36.78 -16.08
C TYR A 167 -18.43 -36.25 -17.08
N HIS A 168 -19.71 -36.39 -16.74
CA HIS A 168 -20.78 -36.14 -17.69
C HIS A 168 -20.86 -34.67 -18.09
N ILE A 169 -20.89 -34.43 -19.40
CA ILE A 169 -21.19 -33.11 -19.95
C ILE A 169 -22.66 -33.08 -20.31
N ASN A 170 -23.32 -31.96 -20.04
CA ASN A 170 -24.73 -31.83 -20.39
C ASN A 170 -24.91 -31.89 -21.90
N THR A 171 -25.89 -32.68 -22.35
CA THR A 171 -26.15 -32.80 -23.77
C THR A 171 -26.58 -31.46 -24.38
N LYS A 172 -27.33 -30.67 -23.61
CA LYS A 172 -27.77 -29.36 -24.11
C LYS A 172 -26.61 -28.41 -24.34
N ALA A 173 -25.44 -28.68 -23.76
CA ALA A 173 -24.27 -27.84 -23.94
C ALA A 173 -23.31 -28.34 -25.00
N LYS A 174 -23.40 -29.62 -25.38
CA LYS A 174 -22.41 -30.19 -26.29
C LYS A 174 -22.36 -29.51 -27.66
N PRO A 175 -23.44 -29.01 -28.24
CA PRO A 175 -23.28 -28.20 -29.47
C PRO A 175 -22.61 -26.87 -29.22
N SER A 176 -22.93 -26.21 -28.10
CA SER A 176 -22.36 -24.89 -27.83
C SER A 176 -20.86 -24.96 -27.64
N ILE A 177 -20.38 -25.94 -26.87
CA ILE A 177 -18.95 -26.08 -26.66
C ILE A 177 -18.26 -26.49 -27.96
N GLN A 178 -18.93 -27.33 -28.76
CA GLN A 178 -18.32 -27.83 -29.99
C GLN A 178 -17.92 -26.70 -30.91
N GLN A 179 -18.80 -25.72 -31.10
CA GLN A 179 -18.44 -24.57 -31.92
C GLN A 179 -17.28 -23.80 -31.31
N VAL A 180 -17.31 -23.62 -29.98
CA VAL A 180 -16.25 -22.88 -29.31
C VAL A 180 -14.91 -23.57 -29.52
N ILE A 181 -14.88 -24.90 -29.35
CA ILE A 181 -13.64 -25.64 -29.50
C ILE A 181 -13.11 -25.52 -30.93
N ASP A 182 -13.99 -25.72 -31.91
CA ASP A 182 -13.59 -25.53 -33.30
C ASP A 182 -13.20 -24.09 -33.58
N ASP A 183 -13.92 -23.14 -32.96
CA ASP A 183 -13.55 -21.74 -33.12
C ASP A 183 -12.27 -21.41 -32.37
N LEU A 184 -12.07 -22.02 -31.20
CA LEU A 184 -10.83 -21.79 -30.47
C LEU A 184 -9.65 -22.55 -31.07
N LEU A 185 -9.91 -23.71 -31.66
CA LEU A 185 -8.84 -24.47 -32.30
C LEU A 185 -8.26 -23.70 -33.48
N LYS A 186 -9.13 -23.07 -34.28
CA LYS A 186 -8.67 -22.37 -35.47
C LYS A 186 -7.75 -21.21 -35.12
N GLN A 187 -8.07 -20.47 -34.05
CA GLN A 187 -7.23 -19.37 -33.62
C GLN A 187 -6.05 -19.83 -32.78
N GLY A 188 -5.78 -21.13 -32.72
CA GLY A 188 -4.64 -21.63 -31.98
C GLY A 188 -4.76 -21.61 -30.48
N VAL A 189 -5.96 -21.30 -29.95
CA VAL A 189 -6.13 -21.28 -28.50
C VAL A 189 -6.08 -22.69 -27.94
N LEU A 190 -6.67 -23.65 -28.64
CA LEU A 190 -6.59 -25.05 -28.26
C LEU A 190 -5.67 -25.80 -29.21
N ILE A 191 -4.99 -26.81 -28.68
CA ILE A 191 -4.08 -27.66 -29.43
C ILE A 191 -4.31 -29.10 -29.02
N LYS A 192 -4.40 -29.99 -30.00
CA LYS A 192 -4.52 -31.41 -29.71
C LYS A 192 -3.18 -31.92 -29.17
N GLN A 193 -3.19 -32.44 -27.95
CA GLN A 193 -1.95 -32.74 -27.25
C GLN A 193 -2.23 -33.71 -26.10
N THR A 194 -1.50 -34.82 -26.06
CA THR A 194 -1.54 -35.68 -24.89
C THR A 194 -0.88 -34.97 -23.71
N SER A 195 -1.21 -35.43 -22.51
CA SER A 195 -0.73 -34.73 -21.32
C SER A 195 -0.75 -35.65 -20.11
N VAL A 196 0.12 -35.33 -19.15
CA VAL A 196 0.12 -36.04 -17.87
C VAL A 196 -1.15 -35.71 -17.09
N MET A 197 -1.53 -34.44 -17.06
CA MET A 197 -2.74 -34.00 -16.38
C MET A 197 -3.92 -33.97 -17.33
N ASN A 198 -5.12 -34.17 -16.76
CA ASN A 198 -6.37 -34.05 -17.49
C ASN A 198 -7.46 -33.65 -16.51
N THR A 199 -8.21 -32.61 -16.84
CA THR A 199 -9.25 -32.06 -15.99
C THR A 199 -10.62 -32.11 -16.68
N PRO A 200 -11.71 -32.12 -15.91
CA PRO A 200 -13.03 -32.26 -16.54
C PRO A 200 -13.53 -30.90 -17.04
N ILE A 201 -14.10 -30.91 -18.24
CA ILE A 201 -14.73 -29.73 -18.83
C ILE A 201 -16.18 -29.68 -18.36
N TYR A 202 -16.58 -28.54 -17.78
CA TYR A 202 -17.87 -28.40 -17.12
C TYR A 202 -18.52 -27.08 -17.53
N PRO A 203 -19.35 -27.11 -18.58
CA PRO A 203 -19.94 -25.86 -19.07
C PRO A 203 -20.95 -25.25 -18.10
N VAL A 204 -20.88 -23.93 -17.94
CA VAL A 204 -21.80 -23.18 -17.09
C VAL A 204 -22.79 -22.41 -17.97
N PRO A 205 -24.08 -22.43 -17.66
CA PRO A 205 -25.08 -21.81 -18.55
C PRO A 205 -25.05 -20.29 -18.52
N LYS A 206 -25.64 -19.72 -19.55
CA LYS A 206 -25.84 -18.29 -19.71
C LYS A 206 -27.30 -18.04 -20.02
N PRO A 207 -27.77 -16.80 -19.88
CA PRO A 207 -29.18 -16.52 -20.21
C PRO A 207 -29.53 -16.83 -21.66
N ASP A 208 -28.61 -16.61 -22.60
CA ASP A 208 -28.83 -17.07 -23.97
C ASP A 208 -28.57 -18.57 -24.07
N GLY A 209 -29.01 -19.16 -25.18
CA GLY A 209 -28.89 -20.60 -25.37
C GLY A 209 -27.45 -21.11 -25.38
N LYS A 210 -26.46 -20.22 -25.41
CA LYS A 210 -25.07 -20.64 -25.48
C LYS A 210 -24.58 -21.10 -24.11
N TRP A 211 -23.39 -21.70 -24.10
CA TRP A 211 -22.78 -22.25 -22.90
C TRP A 211 -21.32 -21.82 -22.85
N ARG A 212 -20.79 -21.71 -21.64
CA ARG A 212 -19.44 -21.17 -21.41
C ARG A 212 -18.42 -22.29 -21.30
N MET A 213 -17.18 -21.97 -21.67
CA MET A 213 -16.06 -22.91 -21.59
C MET A 213 -15.32 -22.71 -20.28
N VAL A 214 -15.84 -23.35 -19.23
CA VAL A 214 -15.16 -23.40 -17.95
C VAL A 214 -14.99 -24.87 -17.57
N LEU A 215 -13.99 -25.13 -16.75
CA LEU A 215 -13.55 -26.49 -16.46
C LEU A 215 -13.34 -26.66 -14.96
N ASP A 216 -13.61 -27.87 -14.48
CA ASP A 216 -13.30 -28.25 -13.11
C ASP A 216 -11.80 -28.33 -12.90
N TYR A 217 -11.21 -27.22 -12.44
CA TYR A 217 -9.77 -27.13 -12.24
C TYR A 217 -9.39 -27.28 -10.78
N ARG A 218 -10.28 -27.83 -9.95
CA ARG A 218 -10.04 -27.87 -8.51
C ARG A 218 -8.82 -28.73 -8.17
N ALA A 219 -8.63 -29.83 -8.90
CA ALA A 219 -7.47 -30.67 -8.67
C ALA A 219 -6.18 -29.93 -9.00
N VAL A 220 -6.17 -29.22 -10.13
CA VAL A 220 -5.01 -28.39 -10.48
C VAL A 220 -4.83 -27.27 -9.47
N ASN A 221 -5.93 -26.66 -9.03
CA ASN A 221 -5.84 -25.52 -8.12
C ASN A 221 -5.17 -25.89 -6.80
N LYS A 222 -5.28 -27.16 -6.40
CA LYS A 222 -4.69 -27.59 -5.14
C LYS A 222 -3.17 -27.53 -5.17
N THR A 223 -2.57 -27.73 -6.35
CA THR A 223 -1.12 -27.82 -6.48
C THR A 223 -0.49 -26.51 -6.92
N VAL A 224 -1.26 -25.42 -7.00
CA VAL A 224 -0.74 -24.14 -7.47
C VAL A 224 -1.05 -23.06 -6.45
N PRO A 225 -0.06 -22.28 -6.01
CA PRO A 225 -0.33 -21.25 -5.01
C PRO A 225 -1.13 -20.10 -5.57
N LEU A 226 -2.00 -19.53 -4.73
CA LEU A 226 -2.80 -18.38 -5.15
C LEU A 226 -1.94 -17.13 -5.23
N ILE A 227 -2.08 -16.41 -6.35
CA ILE A 227 -1.42 -15.12 -6.47
C ILE A 227 -2.10 -14.12 -5.56
N GLY A 228 -1.31 -13.50 -4.67
CA GLY A 228 -1.81 -12.64 -3.63
C GLY A 228 -2.24 -11.24 -4.05
N ALA A 229 -2.08 -10.88 -5.33
CA ALA A 229 -2.48 -9.54 -5.78
C ALA A 229 -3.95 -9.27 -5.47
N GLN A 230 -4.24 -8.02 -5.10
CA GLN A 230 -5.59 -7.63 -4.64
C GLN A 230 -6.09 -6.49 -5.52
N ASN A 231 -6.66 -6.84 -6.67
CA ASN A 231 -7.11 -5.88 -7.66
C ASN A 231 -8.55 -6.14 -8.07
N GLN A 232 -9.38 -6.63 -7.15
CA GLN A 232 -10.82 -6.67 -7.34
C GLN A 232 -11.46 -6.18 -6.03
N HIS A 233 -12.10 -5.01 -6.08
CA HIS A 233 -12.78 -4.44 -4.92
C HIS A 233 -14.05 -3.77 -5.43
N SER A 234 -15.11 -4.56 -5.56
CA SER A 234 -16.36 -4.06 -6.14
C SER A 234 -16.91 -2.88 -5.34
N LEU A 235 -16.85 -2.96 -4.01
CA LEU A 235 -17.35 -1.86 -3.20
C LEU A 235 -16.46 -0.62 -3.36
N GLY A 236 -15.15 -0.80 -3.23
CA GLY A 236 -14.24 0.33 -3.32
C GLY A 236 -14.37 1.10 -4.63
N ILE A 237 -14.66 0.41 -5.72
CA ILE A 237 -14.91 1.07 -6.99
C ILE A 237 -16.23 1.82 -6.95
N LEU A 238 -17.29 1.12 -6.53
CA LEU A 238 -18.63 1.69 -6.49
C LEU A 238 -18.69 2.93 -5.60
N THR A 239 -18.01 2.88 -4.46
CA THR A 239 -18.04 3.99 -3.51
C THR A 239 -17.06 5.10 -3.85
N ASN A 240 -16.16 4.89 -4.82
CA ASN A 240 -15.15 5.89 -5.14
C ASN A 240 -15.09 6.24 -6.62
N LEU A 241 -16.01 5.74 -7.44
CA LEU A 241 -16.04 6.18 -8.82
C LEU A 241 -16.58 7.61 -8.89
N VAL A 242 -16.27 8.29 -9.99
CA VAL A 242 -16.74 9.65 -10.21
C VAL A 242 -17.99 9.60 -11.06
N ARG A 243 -18.85 10.61 -10.90
CA ARG A 243 -20.18 10.62 -11.50
C ARG A 243 -20.44 12.01 -12.10
N GLN A 244 -19.78 12.30 -13.22
CA GLN A 244 -20.00 13.57 -13.91
C GLN A 244 -21.28 13.46 -14.75
N LYS A 245 -21.36 14.23 -15.82
CA LYS A 245 -22.54 14.18 -16.68
C LYS A 245 -22.55 12.93 -17.56
N TYR A 246 -21.57 12.85 -18.46
CA TYR A 246 -21.56 11.82 -19.49
C TYR A 246 -20.72 10.63 -19.02
N LYS A 247 -21.35 9.47 -18.91
CA LYS A 247 -20.70 8.25 -18.45
C LYS A 247 -20.79 7.18 -19.53
N SER A 248 -19.93 6.17 -19.41
CA SER A 248 -19.86 5.10 -20.39
C SER A 248 -19.10 3.92 -19.81
N THR A 249 -19.47 2.73 -20.26
CA THR A 249 -18.81 1.49 -19.86
C THR A 249 -18.36 0.72 -21.09
N ILE A 250 -17.18 0.12 -21.00
CA ILE A 250 -16.58 -0.64 -22.09
C ILE A 250 -16.21 -2.02 -21.56
N ASP A 251 -16.79 -3.06 -22.14
CA ASP A 251 -16.60 -4.43 -21.66
C ASP A 251 -15.61 -5.15 -22.58
N LEU A 252 -14.46 -5.51 -22.02
CA LEU A 252 -13.54 -6.42 -22.71
C LEU A 252 -14.25 -7.74 -23.01
N SER A 253 -13.85 -8.39 -24.10
CA SER A 253 -14.47 -9.62 -24.54
C SER A 253 -13.47 -10.76 -24.45
N ASN A 254 -13.88 -11.85 -23.78
CA ASN A 254 -13.07 -13.05 -23.65
C ASN A 254 -11.63 -12.71 -23.23
N GLY A 255 -11.52 -11.91 -22.16
CA GLY A 255 -10.24 -11.36 -21.80
C GLY A 255 -9.21 -12.40 -21.42
N PHE A 256 -9.64 -13.46 -20.73
CA PHE A 256 -8.73 -14.53 -20.35
C PHE A 256 -8.02 -15.11 -21.56
N TRP A 257 -8.77 -15.40 -22.61
CA TRP A 257 -8.25 -16.06 -23.80
C TRP A 257 -7.32 -15.20 -24.63
N ALA A 258 -6.90 -14.03 -24.13
CA ALA A 258 -5.93 -13.20 -24.83
C ALA A 258 -4.55 -13.25 -24.20
N HIS A 259 -4.43 -13.75 -22.98
CA HIS A 259 -3.17 -13.79 -22.27
C HIS A 259 -2.43 -15.07 -22.60
N PRO A 260 -1.29 -15.03 -23.28
CA PRO A 260 -0.57 -16.27 -23.59
C PRO A 260 0.05 -16.88 -22.34
N ILE A 261 0.17 -18.21 -22.35
CA ILE A 261 0.83 -18.94 -21.29
C ILE A 261 1.98 -19.73 -21.91
N THR A 262 3.06 -19.90 -21.15
CA THR A 262 4.24 -20.57 -21.67
C THR A 262 3.93 -22.02 -22.03
N LYS A 263 4.70 -22.54 -23.00
CA LYS A 263 4.47 -23.90 -23.46
C LYS A 263 4.67 -24.91 -22.34
N ASP A 264 5.72 -24.71 -21.52
CA ASP A 264 5.95 -25.60 -20.39
C ASP A 264 4.83 -25.51 -19.36
N SER A 265 4.06 -24.43 -19.36
CA SER A 265 2.94 -24.26 -18.44
C SER A 265 1.62 -24.75 -19.02
N GLN A 266 1.63 -25.25 -20.25
CA GLN A 266 0.37 -25.58 -20.94
C GLN A 266 -0.18 -26.94 -20.54
N TRP A 267 0.69 -27.89 -20.16
CA TRP A 267 0.23 -29.24 -19.87
C TRP A 267 -0.78 -29.26 -18.73
N ILE A 268 -0.65 -28.34 -17.77
CA ILE A 268 -1.51 -28.32 -16.60
C ILE A 268 -2.95 -27.96 -16.93
N THR A 269 -3.21 -27.45 -18.14
CA THR A 269 -4.53 -27.01 -18.54
C THR A 269 -5.29 -28.06 -19.32
N ALA A 270 -4.72 -29.25 -19.50
CA ALA A 270 -5.24 -30.22 -20.43
C ALA A 270 -6.63 -30.70 -20.03
N PHE A 271 -7.43 -31.02 -21.05
CA PHE A 271 -8.75 -31.62 -20.85
C PHE A 271 -9.04 -32.53 -22.02
N THR A 272 -9.98 -33.45 -21.82
CA THR A 272 -10.37 -34.42 -22.83
C THR A 272 -11.72 -34.04 -23.40
N TRP A 273 -11.81 -33.96 -24.72
CA TRP A 273 -13.05 -33.65 -25.41
C TRP A 273 -13.29 -34.66 -26.53
N GLU A 274 -14.42 -35.36 -26.43
CA GLU A 274 -14.88 -36.33 -27.43
C GLU A 274 -13.74 -37.22 -27.92
N GLY A 275 -13.04 -37.82 -26.97
CA GLY A 275 -12.00 -38.78 -27.30
C GLY A 275 -10.59 -38.24 -27.27
N LYS A 276 -10.39 -37.03 -27.79
CA LYS A 276 -9.07 -36.44 -27.90
C LYS A 276 -8.79 -35.50 -26.71
N GLN A 277 -7.51 -35.35 -26.41
CA GLN A 277 -7.06 -34.52 -25.29
C GLN A 277 -6.51 -33.20 -25.83
N HIS A 278 -7.10 -32.10 -25.42
CA HIS A 278 -6.68 -30.77 -25.85
C HIS A 278 -5.92 -30.06 -24.74
N VAL A 279 -5.21 -29.00 -25.12
CA VAL A 279 -4.36 -28.25 -24.22
C VAL A 279 -4.58 -26.77 -24.47
N TRP A 280 -4.89 -26.02 -23.41
CA TRP A 280 -5.08 -24.58 -23.55
C TRP A 280 -3.76 -23.87 -23.79
N THR A 281 -3.84 -22.74 -24.48
CA THR A 281 -2.69 -21.90 -24.74
C THR A 281 -2.76 -20.55 -24.04
N ARG A 282 -3.96 -20.04 -23.80
CA ARG A 282 -4.20 -18.82 -23.05
C ARG A 282 -4.74 -19.17 -21.67
N LEU A 283 -4.96 -18.15 -20.86
CA LEU A 283 -5.49 -18.36 -19.52
C LEU A 283 -6.86 -19.03 -19.59
N PRO A 284 -7.00 -20.25 -19.09
CA PRO A 284 -8.31 -20.92 -19.12
C PRO A 284 -9.21 -20.41 -18.00
N GLN A 285 -10.48 -20.76 -18.10
CA GLN A 285 -11.47 -20.32 -17.14
C GLN A 285 -11.74 -21.45 -16.15
N GLY A 286 -11.82 -21.09 -14.87
CA GLY A 286 -11.85 -22.05 -13.79
C GLY A 286 -10.53 -22.23 -13.08
N PHE A 287 -9.47 -21.60 -13.57
CA PHE A 287 -8.13 -21.69 -12.97
C PHE A 287 -7.97 -20.59 -11.94
N LEU A 288 -7.31 -20.93 -10.83
CA LEU A 288 -7.37 -20.04 -9.66
C LEU A 288 -6.64 -18.73 -9.89
N ASN A 289 -5.53 -18.74 -10.63
CA ASN A 289 -4.77 -17.53 -10.88
C ASN A 289 -5.19 -16.79 -12.15
N SER A 290 -6.07 -17.38 -12.95
CA SER A 290 -6.51 -16.70 -14.17
C SER A 290 -7.13 -15.34 -13.91
N PRO A 291 -7.96 -15.12 -12.86
CA PRO A 291 -8.42 -13.76 -12.57
C PRO A 291 -7.27 -12.81 -12.27
N ALA A 292 -6.50 -13.11 -11.23
CA ALA A 292 -5.49 -12.18 -10.73
C ALA A 292 -4.50 -11.78 -11.80
N LEU A 293 -4.04 -12.74 -12.62
CA LEU A 293 -3.13 -12.42 -13.71
C LEU A 293 -3.79 -11.48 -14.72
N PHE A 294 -4.96 -11.85 -15.23
CA PHE A 294 -5.63 -11.03 -16.23
C PHE A 294 -5.94 -9.64 -15.71
N THR A 295 -6.68 -9.55 -14.62
CA THR A 295 -7.13 -8.23 -14.16
C THR A 295 -5.95 -7.35 -13.76
N ALA A 296 -4.80 -7.95 -13.45
CA ALA A 296 -3.60 -7.16 -13.18
C ALA A 296 -3.17 -6.39 -14.43
N ASP A 297 -3.18 -7.06 -15.58
CA ASP A 297 -2.70 -6.45 -16.81
C ASP A 297 -3.59 -5.30 -17.26
N VAL A 298 -4.92 -5.49 -17.19
CA VAL A 298 -5.82 -4.48 -17.71
C VAL A 298 -5.86 -3.26 -16.79
N VAL A 299 -5.80 -3.49 -15.47
CA VAL A 299 -5.78 -2.36 -14.55
C VAL A 299 -4.43 -1.64 -14.59
N ASP A 300 -3.36 -2.35 -14.91
CA ASP A 300 -2.06 -1.69 -15.09
C ASP A 300 -2.05 -0.84 -16.35
N LEU A 301 -2.68 -1.33 -17.41
CA LEU A 301 -2.68 -0.63 -18.69
C LEU A 301 -3.31 0.74 -18.59
N LEU A 302 -4.43 0.84 -17.87
CA LEU A 302 -5.28 2.03 -17.90
C LEU A 302 -5.09 2.94 -16.68
N LYS A 303 -4.04 2.70 -15.88
CA LYS A 303 -3.92 3.43 -14.62
C LYS A 303 -3.76 4.93 -14.83
N ASN A 304 -3.10 5.35 -15.93
CA ASN A 304 -2.81 6.76 -16.14
C ASN A 304 -3.99 7.51 -16.71
N ILE A 305 -4.95 6.82 -17.34
CA ILE A 305 -6.20 7.45 -17.78
C ILE A 305 -6.90 8.00 -16.54
N PRO A 306 -7.08 9.31 -16.43
CA PRO A 306 -7.70 9.87 -15.22
C PRO A 306 -9.18 9.57 -15.16
N GLY A 307 -9.69 9.48 -13.93
CA GLY A 307 -11.10 9.25 -13.70
C GLY A 307 -11.62 7.91 -14.17
N ILE A 308 -10.76 6.92 -14.34
CA ILE A 308 -11.16 5.62 -14.85
C ILE A 308 -11.34 4.66 -13.67
N SER A 309 -12.13 3.61 -13.90
CA SER A 309 -12.37 2.57 -12.91
C SER A 309 -12.60 1.27 -13.65
N VAL A 310 -11.75 0.28 -13.42
CA VAL A 310 -11.80 -1.00 -14.12
C VAL A 310 -11.97 -2.12 -13.11
N TYR A 311 -13.02 -2.93 -13.29
CA TYR A 311 -13.26 -4.13 -12.50
C TYR A 311 -13.14 -5.32 -13.44
N VAL A 312 -12.02 -6.05 -13.32
CA VAL A 312 -11.71 -7.19 -14.16
C VAL A 312 -11.69 -6.76 -15.63
N ASP A 313 -12.80 -6.97 -16.35
CA ASP A 313 -12.86 -6.63 -17.76
C ASP A 313 -13.91 -5.58 -18.06
N ASP A 314 -14.43 -4.89 -17.05
CA ASP A 314 -15.47 -3.88 -17.23
C ASP A 314 -14.90 -2.52 -16.85
N ILE A 315 -15.03 -1.55 -17.75
CA ILE A 315 -14.32 -0.28 -17.65
C ILE A 315 -15.34 0.85 -17.65
N TYR A 316 -15.39 1.60 -16.55
CA TYR A 316 -16.23 2.78 -16.44
C TYR A 316 -15.36 4.03 -16.33
N PHE A 317 -15.86 5.13 -16.88
CA PHE A 317 -15.30 6.45 -16.63
C PHE A 317 -16.36 7.49 -16.93
N SER A 318 -16.07 8.74 -16.62
CA SER A 318 -17.06 9.80 -16.75
C SER A 318 -16.37 11.15 -16.85
N THR A 319 -16.97 12.04 -17.64
CA THR A 319 -16.49 13.42 -17.78
C THR A 319 -17.70 14.34 -17.84
N GLU A 320 -17.43 15.64 -17.75
CA GLU A 320 -18.50 16.64 -17.75
C GLU A 320 -18.92 17.02 -19.16
N THR A 321 -17.97 17.37 -20.02
CA THR A 321 -18.27 17.72 -21.40
C THR A 321 -18.08 16.50 -22.30
N VAL A 322 -18.94 16.39 -23.32
CA VAL A 322 -18.83 15.30 -24.28
C VAL A 322 -17.54 15.41 -25.10
N SER A 323 -17.04 16.64 -25.27
CA SER A 323 -15.83 16.83 -26.06
C SER A 323 -14.64 16.15 -25.40
N GLU A 324 -14.53 16.23 -24.07
CA GLU A 324 -13.46 15.53 -23.37
C GLU A 324 -13.71 14.03 -23.32
N HIS A 325 -14.98 13.64 -23.14
CA HIS A 325 -15.32 12.22 -23.13
C HIS A 325 -14.87 11.55 -24.42
N LEU A 326 -14.99 12.25 -25.55
CA LEU A 326 -14.58 11.67 -26.82
C LEU A 326 -13.07 11.57 -26.93
N LYS A 327 -12.33 12.52 -26.34
CA LYS A 327 -10.87 12.44 -26.36
C LYS A 327 -10.38 11.28 -25.50
N ILE A 328 -10.90 11.16 -24.27
CA ILE A 328 -10.48 10.08 -23.39
C ILE A 328 -10.89 8.74 -23.97
N LEU A 329 -12.10 8.68 -24.55
CA LEU A 329 -12.60 7.44 -25.14
C LEU A 329 -11.67 6.94 -26.25
N GLU A 330 -11.23 7.85 -27.12
CA GLU A 330 -10.31 7.48 -28.19
C GLU A 330 -8.96 7.05 -27.62
N LYS A 331 -8.49 7.74 -26.56
CA LYS A 331 -7.25 7.33 -25.90
C LYS A 331 -7.35 5.91 -25.39
N VAL A 332 -8.51 5.55 -24.81
CA VAL A 332 -8.70 4.19 -24.32
C VAL A 332 -8.63 3.19 -25.46
N PHE A 333 -9.39 3.45 -26.53
CA PHE A 333 -9.43 2.52 -27.67
C PHE A 333 -8.03 2.24 -28.21
N LYS A 334 -7.19 3.27 -28.29
CA LYS A 334 -5.85 3.08 -28.84
C LYS A 334 -4.99 2.23 -27.91
N ILE A 335 -5.07 2.46 -26.60
CA ILE A 335 -4.29 1.67 -25.65
C ILE A 335 -4.68 0.21 -25.73
N LEU A 336 -5.97 -0.07 -25.92
CA LEU A 336 -6.43 -1.45 -26.04
C LEU A 336 -5.91 -2.09 -27.32
N LEU A 337 -5.87 -1.34 -28.42
CA LEU A 337 -5.61 -1.92 -29.73
C LEU A 337 -4.16 -2.36 -29.86
N GLU A 338 -3.21 -1.49 -29.49
CA GLU A 338 -1.80 -1.87 -29.53
C GLU A 338 -1.52 -3.01 -28.56
N ALA A 339 -2.19 -3.02 -27.42
CA ALA A 339 -1.98 -4.08 -26.44
C ALA A 339 -2.36 -5.44 -26.98
N GLY A 340 -3.32 -5.49 -27.89
CA GLY A 340 -3.82 -6.75 -28.41
C GLY A 340 -5.17 -7.17 -27.87
N TYR A 341 -5.85 -6.31 -27.12
CA TYR A 341 -7.18 -6.60 -26.61
C TYR A 341 -8.24 -6.20 -27.62
N ILE A 342 -9.39 -6.86 -27.53
CA ILE A 342 -10.56 -6.51 -28.33
C ILE A 342 -11.72 -6.21 -27.37
N VAL A 343 -12.74 -5.54 -27.91
CA VAL A 343 -13.87 -5.06 -27.13
C VAL A 343 -15.16 -5.63 -27.70
N SER A 344 -16.01 -6.16 -26.83
CA SER A 344 -17.36 -6.55 -27.23
C SER A 344 -18.23 -5.30 -27.23
N LEU A 345 -18.66 -4.88 -28.41
CA LEU A 345 -19.46 -3.67 -28.49
C LEU A 345 -20.86 -3.89 -27.94
N LYS A 346 -21.40 -5.09 -28.11
CA LYS A 346 -22.73 -5.40 -27.58
C LYS A 346 -22.76 -5.25 -26.06
N LYS A 347 -21.77 -5.83 -25.38
CA LYS A 347 -21.74 -5.84 -23.92
C LYS A 347 -21.50 -4.47 -23.31
N SER A 348 -21.13 -3.47 -24.12
CA SER A 348 -20.76 -2.17 -23.61
C SER A 348 -21.73 -1.10 -24.11
N ALA A 349 -21.71 0.04 -23.41
CA ALA A 349 -22.60 1.17 -23.68
C ALA A 349 -21.82 2.45 -23.45
N LEU A 350 -21.74 3.31 -24.47
CA LEU A 350 -20.89 4.49 -24.44
C LEU A 350 -21.72 5.76 -24.65
N LEU A 351 -21.59 6.68 -23.70
CA LEU A 351 -22.25 7.99 -23.65
C LEU A 351 -23.73 7.90 -23.34
N ARG A 352 -24.07 8.05 -22.06
CA ARG A 352 -25.45 8.14 -21.59
C ARG A 352 -25.47 8.93 -20.29
N TYR A 353 -26.60 9.60 -20.04
CA TYR A 353 -26.76 10.32 -18.77
C TYR A 353 -26.67 9.38 -17.58
N GLU A 354 -26.96 8.09 -17.78
CA GLU A 354 -26.92 7.11 -16.72
C GLU A 354 -26.62 5.73 -17.31
N VAL A 355 -25.99 4.89 -16.49
CA VAL A 355 -25.61 3.54 -16.93
C VAL A 355 -25.47 2.68 -15.69
N THR A 356 -25.72 1.38 -15.85
CA THR A 356 -25.66 0.44 -14.74
C THR A 356 -24.28 -0.20 -14.68
N PHE A 357 -23.60 -0.07 -13.54
CA PHE A 357 -22.26 -0.57 -13.34
C PHE A 357 -22.21 -1.44 -12.09
N LEU A 358 -21.64 -2.64 -12.23
CA LEU A 358 -21.43 -3.57 -11.12
C LEU A 358 -22.64 -3.67 -10.21
N GLY A 359 -23.81 -3.80 -10.83
CA GLY A 359 -25.03 -4.05 -10.09
C GLY A 359 -25.78 -2.84 -9.60
N PHE A 360 -25.35 -1.62 -9.95
CA PHE A 360 -26.04 -0.41 -9.54
C PHE A 360 -26.12 0.56 -10.72
N SER A 361 -27.15 1.42 -10.71
CA SER A 361 -27.39 2.38 -11.78
C SER A 361 -26.73 3.70 -11.42
N ILE A 362 -25.87 4.20 -12.32
CA ILE A 362 -25.12 5.45 -12.04
C ILE A 362 -25.91 6.55 -12.74
N THR A 363 -26.98 7.00 -12.10
CA THR A 363 -27.82 8.04 -12.66
C THR A 363 -27.17 9.41 -12.46
N GLN A 364 -27.72 10.41 -13.13
CA GLN A 364 -27.21 11.77 -13.00
C GLN A 364 -27.31 12.27 -11.56
N THR A 365 -28.19 11.69 -10.75
CA THR A 365 -28.35 12.10 -9.36
C THR A 365 -27.44 11.35 -8.40
N GLY A 366 -27.15 10.08 -8.68
CA GLY A 366 -26.25 9.32 -7.83
C GLY A 366 -26.40 7.83 -8.04
N ARG A 367 -25.68 7.10 -7.19
CA ARG A 367 -25.69 5.64 -7.20
C ARG A 367 -26.96 5.11 -6.55
N GLY A 368 -27.69 4.26 -7.28
CA GLY A 368 -28.95 3.74 -6.81
C GLY A 368 -29.14 2.29 -7.22
N LEU A 369 -30.17 1.68 -6.62
CA LEU A 369 -30.50 0.29 -6.93
C LEU A 369 -31.12 0.19 -8.31
N THR A 370 -30.70 -0.82 -9.07
CA THR A 370 -31.23 -1.02 -10.41
C THR A 370 -32.71 -1.44 -10.36
N SER A 371 -33.41 -1.14 -11.45
CA SER A 371 -34.76 -1.69 -11.62
C SER A 371 -34.72 -3.21 -11.71
N GLU A 372 -33.67 -3.75 -12.32
CA GLU A 372 -33.53 -5.21 -12.42
C GLU A 372 -33.43 -5.84 -11.05
N PHE A 373 -32.73 -5.18 -10.12
CA PHE A 373 -32.67 -5.69 -8.76
C PHE A 373 -34.00 -5.51 -8.03
N LYS A 374 -34.65 -4.35 -8.22
CA LYS A 374 -35.90 -4.11 -7.53
C LYS A 374 -36.96 -5.13 -7.92
N ASP A 375 -36.93 -5.61 -9.16
CA ASP A 375 -37.81 -6.71 -9.55
C ASP A 375 -37.38 -8.03 -8.92
N LYS A 376 -36.07 -8.22 -8.73
CA LYS A 376 -35.56 -9.45 -8.13
C LYS A 376 -36.10 -9.66 -6.72
N ILE A 377 -36.33 -8.58 -5.97
CA ILE A 377 -36.71 -8.73 -4.57
C ILE A 377 -38.21 -8.78 -4.36
N GLN A 378 -39.00 -8.14 -5.22
CA GLN A 378 -40.45 -8.28 -5.13
C GLN A 378 -40.88 -9.71 -5.47
N ASN A 379 -40.10 -10.40 -6.28
CA ASN A 379 -40.46 -11.68 -6.86
C ASN A 379 -39.94 -12.85 -6.04
N ILE A 380 -39.67 -12.65 -4.76
CA ILE A 380 -39.26 -13.75 -3.88
C ILE A 380 -40.46 -14.24 -3.10
N THR A 381 -40.53 -15.54 -2.88
CA THR A 381 -41.52 -16.16 -2.02
C THR A 381 -40.87 -16.53 -0.69
N SER A 382 -41.71 -16.81 0.30
CA SER A 382 -41.21 -17.16 1.62
C SER A 382 -40.35 -18.41 1.53
N PRO A 383 -39.26 -18.50 2.29
CA PRO A 383 -38.38 -19.66 2.19
C PRO A 383 -38.94 -20.87 2.91
N ARG A 384 -38.52 -22.05 2.43
CA ARG A 384 -38.92 -23.32 3.02
C ARG A 384 -37.78 -24.09 3.64
N THR A 385 -36.53 -23.83 3.24
CA THR A 385 -35.36 -24.49 3.80
C THR A 385 -34.35 -23.44 4.23
N LEU A 386 -33.32 -23.90 4.94
CA LEU A 386 -32.27 -22.99 5.40
C LEU A 386 -31.52 -22.38 4.24
N LYS A 387 -31.25 -23.17 3.20
CA LYS A 387 -30.57 -22.65 2.02
C LYS A 387 -31.36 -21.52 1.39
N GLU A 388 -32.69 -21.66 1.34
CA GLU A 388 -33.54 -20.60 0.82
C GLU A 388 -33.47 -19.35 1.70
N LEU A 389 -33.44 -19.56 3.02
CA LEU A 389 -33.35 -18.43 3.94
C LEU A 389 -32.04 -17.68 3.75
N GLN A 390 -30.95 -18.42 3.56
CA GLN A 390 -29.65 -17.79 3.36
C GLN A 390 -29.53 -17.12 2.01
N SER A 391 -30.35 -17.51 1.03
CA SER A 391 -30.34 -16.84 -0.27
C SER A 391 -31.17 -15.56 -0.24
N ILE A 392 -32.34 -15.61 0.39
CA ILE A 392 -33.15 -14.39 0.54
C ILE A 392 -32.41 -13.39 1.43
N LEU A 393 -31.71 -13.88 2.45
CA LEU A 393 -30.90 -12.99 3.28
C LEU A 393 -29.75 -12.41 2.47
N GLY A 394 -29.05 -13.25 1.70
CA GLY A 394 -27.91 -12.78 0.95
C GLY A 394 -28.29 -11.77 -0.13
N LEU A 395 -29.44 -11.96 -0.75
CA LEU A 395 -29.91 -10.99 -1.75
C LEU A 395 -30.25 -9.67 -1.10
N PHE A 396 -30.92 -9.71 0.07
CA PHE A 396 -31.24 -8.49 0.79
C PHE A 396 -29.98 -7.75 1.22
N ASN A 397 -28.95 -8.51 1.62
CA ASN A 397 -27.73 -7.91 2.16
C ASN A 397 -27.04 -7.01 1.15
N PHE A 398 -27.23 -7.28 -0.14
CA PHE A 398 -26.59 -6.49 -1.19
C PHE A 398 -26.94 -5.01 -1.06
N ALA A 399 -28.17 -4.71 -0.65
CA ALA A 399 -28.68 -3.35 -0.61
C ALA A 399 -28.57 -2.70 0.75
N ARG A 400 -27.68 -3.21 1.61
CA ARG A 400 -27.66 -2.81 3.01
C ARG A 400 -27.42 -1.31 3.17
N ASN A 401 -26.59 -0.73 2.31
CA ASN A 401 -26.18 0.65 2.47
C ASN A 401 -27.25 1.66 2.08
N PHE A 402 -28.43 1.23 1.63
CA PHE A 402 -29.40 2.13 1.03
C PHE A 402 -30.59 2.45 1.92
N VAL A 403 -30.61 1.97 3.16
CA VAL A 403 -31.71 2.27 4.07
C VAL A 403 -31.15 2.52 5.47
N PRO A 404 -31.62 3.56 6.16
CA PRO A 404 -30.97 3.95 7.43
C PRO A 404 -30.94 2.89 8.50
N ASN A 405 -31.91 1.99 8.54
CA ASN A 405 -32.04 1.05 9.65
C ASN A 405 -32.08 -0.40 9.17
N PHE A 406 -31.30 -0.71 8.12
CA PHE A 406 -31.32 -2.05 7.54
C PHE A 406 -31.06 -3.13 8.57
N SER A 407 -30.10 -2.91 9.47
CA SER A 407 -29.69 -3.96 10.39
C SER A 407 -30.79 -4.31 11.39
N GLU A 408 -31.81 -3.48 11.54
CA GLU A 408 -32.95 -3.88 12.36
C GLU A 408 -33.80 -4.93 11.65
N ILE A 409 -34.43 -4.55 10.53
CA ILE A 409 -35.45 -5.41 9.93
C ILE A 409 -34.86 -6.74 9.48
N ILE A 410 -33.53 -6.81 9.31
CA ILE A 410 -32.90 -8.06 8.90
C ILE A 410 -32.62 -8.96 10.10
N LYS A 411 -32.58 -8.42 11.30
CA LYS A 411 -32.26 -9.22 12.48
C LYS A 411 -33.28 -10.31 12.76
N PRO A 412 -34.60 -10.05 12.77
CA PRO A 412 -35.55 -11.16 12.97
C PRO A 412 -35.37 -12.30 11.99
N LEU A 413 -34.92 -12.02 10.77
CA LEU A 413 -34.71 -13.08 9.79
C LEU A 413 -33.38 -13.79 10.03
N TYR A 414 -32.32 -13.05 10.37
CA TYR A 414 -31.03 -13.65 10.66
C TYR A 414 -31.13 -14.61 11.85
N SER A 415 -31.95 -14.27 12.84
CA SER A 415 -32.08 -15.10 14.04
C SER A 415 -32.69 -16.46 13.74
N LEU A 416 -33.41 -16.59 12.62
CA LEU A 416 -34.15 -17.82 12.34
C LEU A 416 -33.23 -19.00 12.01
N ILE A 417 -31.95 -18.76 11.72
CA ILE A 417 -31.08 -19.85 11.29
C ILE A 417 -30.45 -20.59 12.47
N SER A 418 -30.40 -19.99 13.65
CA SER A 418 -29.92 -20.72 14.83
C SER A 418 -31.05 -21.52 15.47
N THR A 419 -32.24 -20.91 15.59
CA THR A 419 -33.39 -21.64 16.13
C THR A 419 -33.78 -22.80 15.21
N ALA A 420 -33.54 -22.66 13.92
CA ALA A 420 -33.81 -23.75 12.99
C ALA A 420 -32.82 -24.88 13.21
N GLU A 421 -33.32 -26.11 13.29
CA GLU A 421 -32.50 -27.29 13.43
C GLU A 421 -32.54 -28.06 12.11
N GLY A 422 -31.36 -28.36 11.57
CA GLY A 422 -31.48 -28.97 10.27
C GLY A 422 -31.88 -27.90 9.25
N ASN A 423 -32.33 -28.38 8.09
CA ASN A 423 -32.73 -27.48 7.01
C ASN A 423 -34.14 -26.93 7.19
N ASN A 424 -34.97 -27.54 8.04
CA ASN A 424 -36.29 -27.00 8.30
C ASN A 424 -36.18 -25.75 9.17
N ILE A 425 -37.03 -24.76 8.87
CA ILE A 425 -36.97 -23.45 9.51
C ILE A 425 -38.34 -23.09 10.07
N LYS A 426 -38.32 -22.21 11.08
CA LYS A 426 -39.53 -21.84 11.82
C LYS A 426 -40.06 -20.49 11.33
N TRP A 427 -40.64 -20.51 10.14
CA TRP A 427 -41.22 -19.32 9.56
C TRP A 427 -42.65 -19.13 10.06
N THR A 428 -43.01 -17.88 10.35
CA THR A 428 -44.31 -17.53 10.90
C THR A 428 -45.01 -16.52 9.99
N SER A 429 -46.29 -16.26 10.30
CA SER A 429 -47.00 -15.18 9.63
C SER A 429 -46.39 -13.83 9.97
N GLU A 430 -45.98 -13.66 11.23
CA GLU A 430 -45.23 -12.47 11.62
C GLU A 430 -43.89 -12.39 10.89
N HIS A 431 -43.30 -13.55 10.58
CA HIS A 431 -42.02 -13.56 9.87
C HIS A 431 -42.18 -13.09 8.43
N THR A 432 -43.24 -13.57 7.75
CA THR A 432 -43.51 -13.09 6.40
C THR A 432 -43.76 -11.58 6.40
N ARG A 433 -44.48 -11.08 7.41
CA ARG A 433 -44.69 -9.65 7.54
C ARG A 433 -43.36 -8.91 7.58
N TYR A 434 -42.39 -9.43 8.34
CA TYR A 434 -41.04 -8.85 8.36
C TYR A 434 -40.45 -8.82 6.95
N LEU A 435 -40.63 -9.91 6.20
CA LEU A 435 -40.09 -9.98 4.85
C LEU A 435 -40.70 -8.89 3.96
N GLU A 436 -41.99 -8.61 4.14
CA GLU A 436 -42.64 -7.58 3.34
C GLU A 436 -42.11 -6.19 3.66
N GLU A 437 -41.88 -5.91 4.95
CA GLU A 437 -41.37 -4.60 5.35
C GLU A 437 -40.01 -4.33 4.72
N ILE A 438 -39.15 -5.35 4.63
CA ILE A 438 -37.85 -5.18 4.01
C ILE A 438 -37.99 -4.69 2.58
N VAL A 439 -38.87 -5.35 1.82
CA VAL A 439 -38.97 -5.07 0.39
C VAL A 439 -39.50 -3.67 0.14
N SER A 440 -40.48 -3.23 0.94
CA SER A 440 -41.06 -1.91 0.73
C SER A 440 -40.02 -0.81 0.98
N ALA A 441 -39.22 -0.95 2.04
CA ALA A 441 -38.19 0.03 2.31
C ALA A 441 -37.13 0.04 1.21
N LEU A 442 -36.77 -1.15 0.72
CA LEU A 442 -35.82 -1.22 -0.38
C LEU A 442 -36.45 -0.75 -1.69
N ASN A 443 -37.74 -1.01 -1.88
CA ASN A 443 -38.46 -0.45 -3.02
C ASN A 443 -38.38 1.06 -3.02
N HIS A 444 -38.67 1.67 -1.88
CA HIS A 444 -38.66 3.12 -1.72
C HIS A 444 -37.29 3.64 -1.28
N ALA A 445 -36.24 2.83 -1.37
CA ALA A 445 -34.92 3.24 -0.92
C ALA A 445 -34.38 4.35 -1.80
N GLY A 446 -33.56 5.20 -1.20
CA GLY A 446 -33.12 6.43 -1.85
C GLY A 446 -31.90 6.23 -2.71
N ASN A 447 -31.27 7.36 -3.03
CA ASN A 447 -30.15 7.44 -3.95
C ASN A 447 -28.90 7.80 -3.16
N LEU A 448 -27.81 7.08 -3.41
CA LEU A 448 -26.60 7.21 -2.60
C LEU A 448 -25.54 8.07 -3.28
N GLU A 449 -24.74 8.74 -2.45
CA GLU A 449 -23.71 9.68 -2.87
C GLU A 449 -22.39 8.93 -3.13
N GLN A 450 -21.44 9.64 -3.73
CA GLN A 450 -20.08 9.17 -3.90
C GLN A 450 -19.15 9.88 -2.94
N ARG A 451 -17.94 9.34 -2.79
CA ARG A 451 -16.97 9.86 -1.84
C ARG A 451 -16.08 10.89 -2.53
N ASP A 452 -16.17 12.15 -2.09
CA ASP A 452 -15.31 13.23 -2.57
C ASP A 452 -13.92 13.01 -2.01
N ASN A 453 -12.99 12.55 -2.86
CA ASN A 453 -11.65 12.23 -2.41
C ASN A 453 -10.83 13.46 -2.01
N GLU A 454 -11.39 14.66 -2.13
CA GLU A 454 -10.68 15.89 -1.77
C GLU A 454 -11.41 16.68 -0.69
N SER A 455 -12.34 16.05 0.02
CA SER A 455 -13.13 16.73 1.03
C SER A 455 -13.19 15.91 2.31
N PRO A 456 -13.29 16.57 3.46
CA PRO A 456 -13.37 15.85 4.73
C PRO A 456 -14.61 14.96 4.81
N LEU A 457 -14.51 13.91 5.62
CA LEU A 457 -15.56 12.92 5.77
C LEU A 457 -16.38 13.26 7.01
N VAL A 458 -17.66 13.52 6.81
CA VAL A 458 -18.59 13.77 7.92
C VAL A 458 -19.29 12.47 8.26
N VAL A 459 -19.29 12.12 9.54
CA VAL A 459 -19.92 10.90 10.03
C VAL A 459 -20.87 11.27 11.18
N LYS A 460 -22.17 11.24 10.88
CA LYS A 460 -23.21 11.62 11.83
C LYS A 460 -23.79 10.36 12.45
N LEU A 461 -23.73 10.25 13.77
CA LEU A 461 -24.18 9.05 14.45
C LEU A 461 -25.11 9.41 15.61
N ASN A 462 -25.90 8.42 16.01
CA ASN A 462 -26.96 8.55 17.01
C ASN A 462 -27.45 7.15 17.31
N ALA A 463 -28.04 6.97 18.50
CA ALA A 463 -28.47 5.64 18.90
C ALA A 463 -29.72 5.72 19.76
N SER A 464 -30.54 4.67 19.65
CA SER A 464 -31.72 4.38 20.44
C SER A 464 -31.42 3.27 21.43
N PRO A 465 -32.26 3.08 22.46
CA PRO A 465 -31.97 2.07 23.48
C PRO A 465 -31.74 0.66 22.95
N LYS A 466 -32.19 0.38 21.73
CA LYS A 466 -32.10 -0.97 21.17
C LYS A 466 -31.00 -1.11 20.12
N THR A 467 -30.86 -0.14 19.21
CA THR A 467 -29.85 -0.20 18.16
C THR A 467 -29.19 1.17 18.01
N GLY A 468 -28.12 1.20 17.23
CA GLY A 468 -27.41 2.45 16.97
C GLY A 468 -27.25 2.73 15.50
N TYR A 469 -27.61 3.95 15.08
CA TYR A 469 -27.65 4.32 13.67
C TYR A 469 -26.46 5.17 13.27
N ILE A 470 -26.04 5.03 12.01
CA ILE A 470 -24.85 5.69 11.48
C ILE A 470 -25.14 6.09 10.03
N ARG A 471 -24.89 7.36 9.70
CA ARG A 471 -24.93 7.84 8.33
C ARG A 471 -23.63 8.57 8.02
N TYR A 472 -23.17 8.42 6.79
CA TYR A 472 -21.94 9.06 6.33
C TYR A 472 -22.30 10.15 5.32
N TYR A 473 -21.46 11.19 5.28
CA TYR A 473 -21.65 12.28 4.34
C TYR A 473 -20.29 12.81 3.92
N ASN A 474 -20.30 13.67 2.92
CA ASN A 474 -19.16 14.52 2.62
C ASN A 474 -19.41 15.87 3.29
N LYS A 475 -18.32 16.53 3.72
CA LYS A 475 -18.49 17.73 4.53
C LYS A 475 -19.35 18.75 3.81
N GLY A 476 -20.58 18.91 4.30
CA GLY A 476 -21.56 19.81 3.67
C GLY A 476 -22.42 19.04 2.69
N GLY A 477 -22.09 17.77 2.42
CA GLY A 477 -22.89 17.00 1.50
C GLY A 477 -24.25 16.66 2.09
N GLN A 478 -25.29 16.74 1.24
CA GLN A 478 -26.65 16.55 1.70
C GLN A 478 -27.16 15.14 1.53
N LYS A 479 -26.63 14.38 0.56
CA LYS A 479 -27.07 13.00 0.47
C LYS A 479 -25.97 12.06 0.95
N PRO A 480 -26.31 11.00 1.67
CA PRO A 480 -25.30 10.16 2.28
C PRO A 480 -24.59 9.24 1.30
N ILE A 481 -23.34 8.93 1.63
CA ILE A 481 -22.60 7.93 0.87
C ILE A 481 -23.18 6.55 1.10
N ALA A 482 -23.48 6.23 2.37
CA ALA A 482 -24.04 4.93 2.73
C ALA A 482 -24.66 5.03 4.11
N TYR A 483 -25.56 4.10 4.40
CA TYR A 483 -26.17 3.95 5.71
C TYR A 483 -25.59 2.73 6.42
N ALA A 484 -25.65 2.75 7.74
CA ALA A 484 -25.24 1.62 8.55
C ALA A 484 -25.91 1.74 9.90
N SER A 485 -26.00 0.61 10.60
CA SER A 485 -26.62 0.57 11.92
C SER A 485 -26.22 -0.72 12.61
N HIS A 486 -26.15 -0.67 13.94
CA HIS A 486 -25.68 -1.78 14.76
C HIS A 486 -26.76 -2.18 15.75
N VAL A 487 -27.13 -3.46 15.73
CA VAL A 487 -28.02 -4.02 16.73
C VAL A 487 -27.18 -4.41 17.94
N PHE A 488 -27.48 -3.79 19.08
CA PHE A 488 -26.75 -4.11 20.31
C PHE A 488 -27.04 -5.54 20.74
N THR A 489 -25.99 -6.34 20.85
CA THR A 489 -26.15 -7.71 21.35
C THR A 489 -26.54 -7.68 22.82
N ASN A 490 -26.65 -8.86 23.42
CA ASN A 490 -27.08 -8.97 24.81
C ASN A 490 -26.15 -8.17 25.73
N THR A 491 -24.84 -8.34 25.56
CA THR A 491 -23.89 -7.67 26.44
C THR A 491 -23.93 -6.16 26.24
N GLU A 492 -24.18 -5.71 25.00
CA GLU A 492 -24.18 -4.27 24.73
C GLU A 492 -25.42 -3.59 25.27
N LEU A 493 -26.53 -4.32 25.39
CA LEU A 493 -27.77 -3.69 25.82
C LEU A 493 -27.65 -3.13 27.24
N LYS A 494 -26.89 -3.80 28.09
CA LYS A 494 -26.73 -3.38 29.48
C LYS A 494 -25.88 -2.13 29.63
N PHE A 495 -25.38 -1.55 28.54
CA PHE A 495 -24.54 -0.37 28.61
C PHE A 495 -25.37 0.87 28.90
N THR A 496 -24.73 1.86 29.54
CA THR A 496 -25.35 3.16 29.71
C THR A 496 -25.61 3.80 28.35
N PRO A 497 -26.54 4.77 28.27
CA PRO A 497 -26.86 5.36 26.96
C PRO A 497 -25.64 5.94 26.26
N LEU A 498 -24.71 6.51 27.02
CA LEU A 498 -23.46 6.99 26.46
C LEU A 498 -22.62 5.85 25.90
N GLU A 499 -22.50 4.76 26.67
CA GLU A 499 -21.70 3.62 26.20
C GLU A 499 -22.34 2.96 24.99
N LYS A 500 -23.65 3.11 24.81
CA LYS A 500 -24.30 2.65 23.59
C LYS A 500 -23.93 3.56 22.41
N LEU A 501 -23.98 4.88 22.62
CA LEU A 501 -23.49 5.82 21.63
C LEU A 501 -22.05 5.52 21.23
N LEU A 502 -21.24 5.07 22.19
CA LEU A 502 -19.82 4.86 21.95
C LEU A 502 -19.56 3.57 21.18
N VAL A 503 -20.27 2.50 21.52
CA VAL A 503 -20.12 1.26 20.74
C VAL A 503 -20.71 1.41 19.34
N THR A 504 -21.65 2.34 19.15
CA THR A 504 -22.07 2.70 17.80
C THR A 504 -20.95 3.42 17.07
N MET A 505 -20.31 4.38 17.74
CA MET A 505 -19.23 5.13 17.14
C MET A 505 -18.06 4.22 16.75
N HIS A 506 -17.71 3.28 17.63
CA HIS A 506 -16.61 2.36 17.33
C HIS A 506 -16.89 1.58 16.06
N LYS A 507 -18.10 1.04 15.92
CA LYS A 507 -18.44 0.28 14.73
C LYS A 507 -18.48 1.14 13.47
N ALA A 508 -18.68 2.45 13.62
CA ALA A 508 -18.60 3.36 12.48
C ALA A 508 -17.17 3.57 12.04
N LEU A 509 -16.30 3.92 12.99
CA LEU A 509 -14.94 4.36 12.66
C LEU A 509 -14.11 3.24 12.05
N ILE A 510 -14.42 1.99 12.40
CA ILE A 510 -13.78 0.86 11.73
C ILE A 510 -13.95 0.98 10.22
N LYS A 511 -15.15 1.35 9.78
CA LYS A 511 -15.41 1.56 8.36
C LYS A 511 -14.92 2.92 7.91
N ALA A 512 -15.17 3.97 8.71
CA ALA A 512 -14.92 5.34 8.27
C ALA A 512 -13.43 5.66 8.10
N ILE A 513 -12.55 4.87 8.70
CA ILE A 513 -11.12 5.08 8.50
C ILE A 513 -10.74 4.77 7.06
N ASP A 514 -11.28 3.69 6.50
CA ASP A 514 -11.02 3.37 5.10
C ASP A 514 -11.71 4.36 4.18
N LEU A 515 -12.88 4.87 4.57
CA LEU A 515 -13.65 5.74 3.68
C LEU A 515 -13.02 7.10 3.49
N ALA A 516 -12.20 7.55 4.45
CA ALA A 516 -11.67 8.91 4.38
C ALA A 516 -10.63 9.08 3.28
N LEU A 517 -9.88 8.02 2.98
CA LEU A 517 -8.77 8.06 2.03
C LEU A 517 -7.80 9.20 2.35
N GLY A 518 -7.27 9.16 3.57
CA GLY A 518 -6.28 10.15 4.01
C GLY A 518 -6.83 11.50 4.36
N GLN A 519 -8.12 11.77 4.10
CA GLN A 519 -8.73 13.03 4.46
C GLN A 519 -8.95 13.09 5.97
N PRO A 520 -9.20 14.27 6.51
CA PRO A 520 -9.63 14.36 7.91
C PRO A 520 -11.03 13.78 8.09
N ILE A 521 -11.39 13.54 9.35
CA ILE A 521 -12.69 12.99 9.72
C ILE A 521 -13.32 13.89 10.77
N GLU A 522 -14.62 14.13 10.64
CA GLU A 522 -15.39 14.93 11.58
C GLU A 522 -16.55 14.10 12.11
N VAL A 523 -16.74 14.09 13.42
CA VAL A 523 -17.79 13.31 14.07
C VAL A 523 -18.80 14.27 14.66
N TYR A 524 -20.07 14.08 14.29
CA TYR A 524 -21.19 14.78 14.92
C TYR A 524 -21.99 13.77 15.73
N SER A 525 -22.28 14.11 16.98
CA SER A 525 -22.86 13.17 17.91
C SER A 525 -23.72 13.93 18.91
N PRO A 526 -24.55 13.23 19.67
CA PRO A 526 -25.28 13.87 20.78
C PRO A 526 -24.44 14.07 22.03
N ILE A 527 -23.17 13.69 22.04
CA ILE A 527 -22.33 13.84 23.23
C ILE A 527 -21.83 15.27 23.32
N ILE A 528 -22.02 15.89 24.49
CA ILE A 528 -21.70 17.31 24.65
C ILE A 528 -20.21 17.55 24.49
N SER A 529 -19.41 16.94 25.36
CA SER A 529 -17.95 17.11 25.34
C SER A 529 -17.28 15.75 25.46
N MET A 530 -16.23 15.57 24.66
CA MET A 530 -15.44 14.34 24.74
C MET A 530 -14.58 14.31 26.00
N GLN A 531 -14.17 15.48 26.48
CA GLN A 531 -13.24 15.53 27.61
C GLN A 531 -13.91 15.12 28.91
N LYS A 532 -15.18 15.49 29.11
CA LYS A 532 -15.93 14.99 30.26
C LYS A 532 -16.05 13.47 30.21
N LEU A 533 -16.05 12.90 29.00
CA LEU A 533 -16.18 11.45 28.86
C LEU A 533 -14.93 10.75 29.36
N GLN A 534 -13.75 11.32 29.09
CA GLN A 534 -12.50 10.71 29.57
C GLN A 534 -12.53 10.55 31.08
N LYS A 535 -13.12 11.51 31.79
CA LYS A 535 -13.16 11.51 33.24
C LYS A 535 -14.49 11.01 33.79
N THR A 536 -15.24 10.24 33.00
CA THR A 536 -16.45 9.63 33.51
C THR A 536 -16.10 8.70 34.67
N PRO A 537 -16.81 8.78 35.80
CA PRO A 537 -16.44 7.95 36.96
C PRO A 537 -16.46 6.47 36.62
N LEU A 538 -15.46 5.76 37.14
CA LEU A 538 -15.38 4.31 36.92
C LEU A 538 -16.60 3.56 37.46
N PRO A 539 -17.18 3.90 38.63
CA PRO A 539 -18.43 3.24 39.03
C PRO A 539 -19.60 3.54 38.12
N GLU A 540 -19.44 4.44 37.14
CA GLU A 540 -20.51 4.76 36.19
C GLU A 540 -20.44 3.97 34.90
N ARG A 541 -19.24 3.66 34.41
CA ARG A 541 -19.10 2.91 33.17
C ARG A 541 -19.36 1.43 33.39
N LYS A 542 -20.37 0.89 32.70
CA LYS A 542 -20.76 -0.50 32.84
C LYS A 542 -20.01 -1.44 31.91
N ALA A 543 -19.50 -0.95 30.79
CA ALA A 543 -18.74 -1.80 29.88
C ALA A 543 -17.37 -2.12 30.48
N LEU A 544 -16.69 -3.08 29.85
CA LEU A 544 -15.39 -3.50 30.34
C LEU A 544 -14.32 -2.46 30.02
N SER A 545 -13.15 -2.65 30.63
CA SER A 545 -12.06 -1.69 30.42
C SER A 545 -11.48 -1.80 29.01
N THR A 546 -11.41 -3.02 28.47
CA THR A 546 -10.89 -3.19 27.12
C THR A 546 -11.78 -2.53 26.06
N ARG A 547 -13.05 -2.31 26.36
CA ARG A 547 -13.91 -1.55 25.46
C ARG A 547 -13.67 -0.05 25.60
N TRP A 548 -13.18 0.38 26.75
CA TRP A 548 -12.95 1.80 27.01
C TRP A 548 -11.59 2.28 26.54
N ILE A 549 -10.63 1.37 26.32
CA ILE A 549 -9.36 1.78 25.74
C ILE A 549 -9.50 1.99 24.23
N THR A 550 -10.36 1.19 23.58
CA THR A 550 -10.66 1.42 22.17
C THR A 550 -11.33 2.76 21.97
N TRP A 551 -12.36 3.05 22.77
CA TRP A 551 -13.09 4.31 22.64
C TRP A 551 -12.20 5.51 22.95
N LEU A 552 -11.46 5.45 24.05
CA LEU A 552 -10.60 6.57 24.43
C LEU A 552 -9.47 6.77 23.43
N SER A 553 -9.01 5.71 22.78
CA SER A 553 -7.93 5.84 21.80
C SER A 553 -8.31 6.78 20.66
N TYR A 554 -9.60 6.80 20.30
CA TYR A 554 -10.03 7.65 19.20
C TYR A 554 -9.89 9.13 19.54
N LEU A 555 -9.94 9.47 20.84
CA LEU A 555 -9.67 10.84 21.24
C LEU A 555 -8.22 11.23 20.97
N GLU A 556 -7.32 10.25 20.89
CA GLU A 556 -5.90 10.50 20.67
C GLU A 556 -5.50 10.46 19.20
N ASP A 557 -6.39 10.00 18.32
CA ASP A 557 -6.09 9.97 16.89
C ASP A 557 -6.15 11.40 16.35
N PRO A 558 -5.09 11.87 15.68
CA PRO A 558 -5.12 13.25 15.15
C PRO A 558 -6.02 13.42 13.93
N ARG A 559 -6.29 12.36 13.18
CA ARG A 559 -7.06 12.45 11.95
C ARG A 559 -8.53 12.73 12.19
N ILE A 560 -8.98 12.81 13.44
CA ILE A 560 -10.40 12.88 13.75
C ILE A 560 -10.64 13.93 14.83
N THR A 561 -11.64 14.76 14.63
CA THR A 561 -12.16 15.66 15.66
C THR A 561 -13.64 15.38 15.86
N PHE A 562 -14.14 15.74 17.04
CA PHE A 562 -15.53 15.48 17.41
C PHE A 562 -16.29 16.79 17.54
N TYR A 563 -17.61 16.69 17.44
CA TYR A 563 -18.48 17.86 17.48
C TYR A 563 -19.80 17.48 18.12
N TYR A 564 -20.40 18.44 18.84
CA TYR A 564 -21.74 18.28 19.35
C TYR A 564 -22.75 18.82 18.33
N ASP A 565 -23.77 18.02 18.04
CA ASP A 565 -24.81 18.39 17.09
C ASP A 565 -26.15 18.28 17.80
N LYS A 566 -26.83 19.42 17.95
CA LYS A 566 -28.13 19.46 18.64
C LYS A 566 -29.25 19.15 17.64
N THR A 567 -29.31 17.88 17.24
CA THR A 567 -30.26 17.46 16.22
C THR A 567 -30.65 16.00 16.45
N LEU A 568 -31.96 15.74 16.47
CA LEU A 568 -32.57 14.42 16.52
C LEU A 568 -32.14 13.57 17.71
N PRO A 569 -32.49 13.95 18.94
CA PRO A 569 -32.40 13.00 20.05
C PRO A 569 -33.64 12.14 20.12
N ASP A 570 -33.49 10.94 20.68
CA ASP A 570 -34.60 10.01 20.77
C ASP A 570 -34.26 8.92 21.78
N LEU A 571 -35.32 8.31 22.32
CA LEU A 571 -35.17 7.21 23.27
C LEU A 571 -36.51 6.48 23.42
N THR B 3 26.53 15.24 -12.85
CA THR B 3 27.49 14.14 -12.73
C THR B 3 27.04 12.84 -11.99
N PRO B 4 25.82 12.32 -12.22
CA PRO B 4 25.39 11.11 -11.49
C PRO B 4 26.19 9.89 -11.91
N PRO B 5 26.22 8.86 -11.08
CA PRO B 5 27.09 7.70 -11.37
C PRO B 5 26.35 6.70 -12.25
N LEU B 6 26.99 5.56 -12.47
CA LEU B 6 26.59 4.47 -13.33
C LEU B 6 25.50 3.61 -12.67
N LEU B 7 24.93 2.68 -13.47
CA LEU B 7 23.80 1.88 -13.04
C LEU B 7 23.95 0.45 -13.54
N GLN B 8 23.12 -0.44 -13.01
CA GLN B 8 23.14 -1.85 -13.33
C GLN B 8 22.27 -2.13 -14.55
N LEU B 9 22.21 -3.40 -14.93
CA LEU B 9 21.53 -3.81 -16.15
C LEU B 9 20.81 -5.13 -15.92
N PRO B 10 19.62 -5.30 -16.51
CA PRO B 10 18.90 -6.57 -16.38
C PRO B 10 19.50 -7.67 -17.24
N VAL B 11 19.56 -8.87 -16.68
CA VAL B 11 20.14 -10.02 -17.35
C VAL B 11 19.16 -11.19 -17.29
N GLU B 12 19.46 -12.23 -18.08
CA GLU B 12 18.66 -13.45 -18.13
C GLU B 12 19.43 -14.59 -18.81
N VAL B 13 19.58 -15.72 -18.13
CA VAL B 13 20.38 -16.83 -18.63
C VAL B 13 19.57 -18.11 -18.54
N LYS B 14 19.32 -18.74 -19.69
CA LYS B 14 18.62 -20.02 -19.77
C LYS B 14 17.22 -19.93 -19.14
N LYS B 15 16.42 -19.00 -19.68
CA LYS B 15 15.03 -18.82 -19.28
C LYS B 15 14.89 -18.57 -17.77
N THR B 16 15.86 -17.83 -17.23
CA THR B 16 15.88 -17.46 -15.78
C THR B 16 16.15 -15.96 -15.67
N GLU B 17 15.30 -15.23 -14.93
CA GLU B 17 15.46 -13.80 -14.79
C GLU B 17 16.35 -13.47 -13.59
N LEU B 18 17.26 -12.52 -13.78
CA LEU B 18 18.24 -12.18 -12.76
C LEU B 18 18.61 -10.72 -12.87
N ASN B 19 19.02 -10.13 -11.76
CA ASN B 19 19.68 -8.83 -11.78
C ASN B 19 21.13 -8.99 -12.18
N GLY B 20 21.65 -8.00 -12.91
CA GLY B 20 23.02 -8.03 -13.36
C GLY B 20 23.72 -6.72 -13.05
N PHE B 21 25.03 -6.83 -12.83
CA PHE B 21 25.85 -5.68 -12.49
C PHE B 21 27.09 -5.65 -13.37
N TRP B 22 27.57 -4.44 -13.66
CA TRP B 22 28.72 -4.23 -14.52
C TRP B 22 29.90 -3.78 -13.66
N ASP B 23 30.98 -4.57 -13.70
CA ASP B 23 32.25 -4.20 -13.07
C ASP B 23 33.32 -4.12 -14.15
N THR B 24 34.05 -3.01 -14.17
CA THR B 24 35.01 -2.78 -15.25
C THR B 24 36.19 -3.74 -15.17
N GLY B 25 36.51 -4.23 -13.97
CA GLY B 25 37.71 -5.01 -13.78
C GLY B 25 37.74 -6.37 -14.46
N ALA B 26 36.82 -7.26 -14.09
CA ALA B 26 36.89 -8.65 -14.51
C ALA B 26 36.35 -8.80 -15.94
N GLN B 27 37.10 -9.54 -16.76
CA GLN B 27 36.65 -9.97 -18.08
C GLN B 27 36.06 -11.36 -18.04
N ILE B 28 35.80 -11.89 -16.85
CA ILE B 28 35.19 -13.20 -16.67
C ILE B 28 33.85 -12.98 -15.97
N THR B 29 32.76 -13.08 -16.73
CA THR B 29 31.44 -13.01 -16.13
C THR B 29 31.28 -14.14 -15.12
N CYS B 30 30.42 -13.92 -14.13
CA CYS B 30 30.14 -14.97 -13.16
C CYS B 30 28.65 -15.01 -12.89
N ILE B 31 28.12 -16.23 -12.77
CA ILE B 31 26.68 -16.44 -12.57
C ILE B 31 26.47 -17.46 -11.46
N PRO B 32 25.33 -17.37 -10.79
CA PRO B 32 25.02 -18.34 -9.73
C PRO B 32 25.22 -19.78 -10.19
N GLU B 33 25.83 -20.58 -9.31
CA GLU B 33 26.27 -21.92 -9.70
C GLU B 33 25.10 -22.89 -9.87
N ALA B 34 23.96 -22.60 -9.23
CA ALA B 34 22.85 -23.55 -9.21
C ALA B 34 22.40 -23.95 -10.61
N PHE B 35 22.54 -23.05 -11.58
CA PHE B 35 22.14 -23.37 -12.95
C PHE B 35 23.06 -24.42 -13.57
N LEU B 36 24.34 -24.42 -13.18
CA LEU B 36 25.37 -25.12 -13.94
C LEU B 36 25.42 -26.62 -13.62
N LYS B 37 24.26 -27.20 -13.31
CA LYS B 37 24.05 -28.64 -13.11
C LYS B 37 25.29 -29.49 -12.85
N LEU B 61 26.72 -20.31 -20.53
CA LEU B 61 27.60 -20.02 -21.66
C LEU B 61 26.98 -18.96 -22.57
N LYS B 62 25.94 -19.36 -23.31
CA LYS B 62 25.22 -18.46 -24.20
C LYS B 62 23.93 -18.01 -23.53
N PHE B 63 23.73 -16.69 -23.48
CA PHE B 63 22.55 -16.12 -22.82
C PHE B 63 22.38 -14.68 -23.29
N LYS B 64 21.22 -14.12 -22.98
CA LYS B 64 20.82 -12.80 -23.43
C LYS B 64 20.85 -11.80 -22.29
N VAL B 65 21.29 -10.58 -22.58
CA VAL B 65 21.31 -9.47 -21.64
C VAL B 65 20.64 -8.28 -22.31
N LEU B 66 19.53 -7.80 -21.72
CA LEU B 66 18.69 -6.72 -22.22
C LEU B 66 17.90 -7.09 -23.47
N GLY B 67 18.09 -8.29 -24.01
CA GLY B 67 17.43 -8.68 -25.24
C GLY B 67 18.41 -9.22 -26.26
N ARG B 68 19.60 -8.62 -26.31
CA ARG B 68 20.65 -9.13 -27.17
C ARG B 68 21.42 -10.23 -26.47
N LYS B 69 21.91 -11.19 -27.25
CA LYS B 69 22.51 -12.40 -26.70
C LYS B 69 23.88 -12.64 -27.30
N VAL B 70 24.80 -13.09 -26.46
CA VAL B 70 26.11 -13.56 -26.90
C VAL B 70 26.62 -14.56 -25.87
N GLU B 71 27.73 -15.23 -26.16
CA GLU B 71 28.32 -16.17 -25.20
C GLU B 71 29.33 -15.49 -24.29
N GLU B 73 31.60 -16.95 -21.72
CA GLU B 73 32.75 -17.26 -20.89
C GLU B 73 32.50 -16.81 -19.45
N VAL B 74 31.99 -17.72 -18.62
CA VAL B 74 31.54 -17.40 -17.28
C VAL B 74 32.14 -18.38 -16.27
N THR B 75 31.90 -18.09 -15.01
CA THR B 75 32.18 -19.00 -13.90
C THR B 75 31.05 -18.83 -12.88
N THR B 76 31.28 -19.27 -11.65
CA THR B 76 30.26 -19.19 -10.61
C THR B 76 30.40 -17.90 -9.82
N SER B 77 29.32 -17.54 -9.11
CA SER B 77 29.23 -16.25 -8.45
C SER B 77 29.05 -16.41 -6.94
N PRO B 78 29.48 -15.43 -6.15
CA PRO B 78 29.30 -15.53 -4.70
C PRO B 78 27.84 -15.41 -4.26
N PHE B 79 27.01 -14.70 -5.03
CA PHE B 79 25.62 -14.52 -4.65
C PHE B 79 24.69 -14.87 -5.79
N ASP B 80 23.39 -14.60 -5.61
CA ASP B 80 22.40 -14.79 -6.67
C ASP B 80 22.50 -13.72 -7.76
N TYR B 81 23.49 -12.84 -7.66
CA TYR B 81 23.71 -11.78 -8.61
C TYR B 81 24.60 -12.24 -9.75
N VAL B 82 24.67 -11.43 -10.80
CA VAL B 82 25.45 -11.72 -12.00
C VAL B 82 26.42 -10.58 -12.23
N ILE B 83 27.68 -10.92 -12.50
CA ILE B 83 28.68 -9.97 -12.93
C ILE B 83 28.88 -10.15 -14.43
N ILE B 84 28.95 -9.03 -15.15
CA ILE B 84 29.08 -9.07 -16.60
C ILE B 84 30.47 -8.58 -16.97
N SER B 85 31.01 -9.15 -18.05
CA SER B 85 32.26 -8.65 -18.62
C SER B 85 31.95 -7.49 -19.55
N PRO B 86 32.39 -6.28 -19.24
CA PRO B 86 32.10 -5.13 -20.12
C PRO B 86 32.66 -5.32 -21.52
N SER B 87 33.74 -6.09 -21.68
CA SER B 87 34.29 -6.40 -22.99
C SER B 87 33.37 -7.29 -23.82
N ASP B 88 32.35 -7.91 -23.21
CA ASP B 88 31.48 -8.83 -23.94
C ASP B 88 30.36 -8.10 -24.68
N ILE B 89 29.90 -6.97 -24.16
CA ILE B 89 28.77 -6.26 -24.75
C ILE B 89 29.19 -4.86 -25.19
N PRO B 90 29.80 -4.72 -26.37
CA PRO B 90 30.28 -3.39 -26.79
C PRO B 90 29.18 -2.38 -27.05
N TRP B 91 27.99 -2.83 -27.48
CA TRP B 91 26.94 -1.89 -27.86
C TRP B 91 26.43 -1.08 -26.68
N TYR B 92 26.71 -1.52 -25.45
CA TYR B 92 26.15 -0.90 -24.26
C TYR B 92 27.18 0.03 -23.64
N LYS B 93 26.92 1.34 -23.70
CA LYS B 93 27.67 2.33 -22.96
C LYS B 93 26.77 2.94 -21.91
N PRO B 94 27.06 2.78 -20.62
CA PRO B 94 26.19 3.35 -19.59
C PRO B 94 26.05 4.86 -19.74
N GLN B 95 24.98 5.39 -19.15
CA GLN B 95 24.65 6.80 -19.19
C GLN B 95 24.54 7.34 -17.76
N PRO B 96 24.64 8.65 -17.57
CA PRO B 96 24.42 9.22 -16.23
C PRO B 96 23.01 8.93 -15.75
N LEU B 97 22.89 8.73 -14.44
CA LEU B 97 21.62 8.31 -13.86
C LEU B 97 20.57 9.40 -14.04
N GLU B 98 19.38 9.00 -14.46
CA GLU B 98 18.28 9.91 -14.75
C GLU B 98 17.02 9.42 -14.06
N LEU B 99 16.56 10.19 -13.06
CA LEU B 99 15.25 9.99 -12.46
C LEU B 99 14.32 11.12 -12.91
N THR B 100 13.41 11.55 -12.03
CA THR B 100 12.43 12.56 -12.39
C THR B 100 12.75 13.94 -11.86
N VAL B 101 13.16 14.07 -10.61
CA VAL B 101 13.41 15.37 -9.98
C VAL B 101 14.87 15.42 -9.55
N LYS B 102 15.58 16.46 -10.00
CA LYS B 102 16.97 16.67 -9.65
C LYS B 102 17.06 17.74 -8.58
N LEU B 103 17.57 17.38 -7.41
CA LEU B 103 17.71 18.33 -6.33
C LEU B 103 18.86 19.30 -6.63
N PRO B 104 18.77 20.55 -6.17
CA PRO B 104 19.88 21.49 -6.36
C PRO B 104 21.08 21.13 -5.50
N VAL B 105 22.00 20.34 -6.06
CA VAL B 105 23.10 19.81 -5.28
C VAL B 105 24.06 20.93 -4.85
N GLN B 106 24.30 21.90 -5.74
CA GLN B 106 25.25 22.95 -5.41
C GLN B 106 24.67 23.93 -4.38
N ASP B 107 23.38 24.22 -4.48
CA ASP B 107 22.75 25.09 -3.49
C ASP B 107 22.69 24.43 -2.11
N PHE B 108 22.57 23.09 -2.08
CA PHE B 108 22.71 22.38 -0.82
C PHE B 108 24.14 22.46 -0.30
N LYS B 109 25.12 22.38 -1.21
CA LYS B 109 26.53 22.43 -0.82
C LYS B 109 26.91 23.79 -0.24
N LYS B 110 26.43 24.87 -0.87
CA LYS B 110 26.75 26.21 -0.37
C LYS B 110 26.11 26.48 0.97
N GLU B 111 24.90 25.96 1.20
CA GLU B 111 24.21 26.16 2.47
C GLU B 111 25.01 25.57 3.62
N LEU B 112 25.45 24.32 3.45
CA LEU B 112 26.26 23.69 4.49
C LEU B 112 27.56 24.45 4.73
N ILE B 113 28.06 25.10 3.69
CA ILE B 113 29.20 26.01 3.85
C ILE B 113 28.83 27.22 4.67
N ASN B 114 27.71 27.86 4.31
CA ASN B 114 27.33 29.10 4.98
C ASN B 114 26.85 28.87 6.41
N LYS B 115 26.21 27.73 6.67
CA LYS B 115 25.78 27.41 8.03
C LYS B 115 26.93 27.01 8.94
N ALA B 116 28.10 26.73 8.38
CA ALA B 116 29.24 26.24 9.16
C ALA B 116 29.84 27.39 9.97
N ASN B 117 29.50 27.45 11.25
CA ASN B 117 30.11 28.43 12.15
C ASN B 117 31.58 28.07 12.39
N ILE B 118 32.42 28.30 11.38
CA ILE B 118 33.84 27.98 11.43
C ILE B 118 34.61 29.10 10.74
N ASN B 119 35.92 29.10 10.93
CA ASN B 119 36.76 30.16 10.38
C ASN B 119 36.70 30.14 8.86
N ASN B 120 36.87 31.33 8.26
CA ASN B 120 36.46 31.52 6.87
C ASN B 120 37.36 30.79 5.89
N GLU B 121 38.69 30.87 6.08
CA GLU B 121 39.60 30.16 5.19
C GLU B 121 39.37 28.64 5.25
N GLU B 122 39.10 28.11 6.44
CA GLU B 122 38.76 26.69 6.54
C GLU B 122 37.43 26.39 5.88
N LYS B 123 36.49 27.34 5.94
CA LYS B 123 35.20 27.14 5.29
C LYS B 123 35.34 26.99 3.79
N LYS B 124 36.20 27.80 3.18
CA LYS B 124 36.47 27.65 1.75
C LYS B 124 37.17 26.32 1.46
N GLN B 125 38.10 25.92 2.33
CA GLN B 125 38.79 24.65 2.15
C GLN B 125 37.82 23.48 2.25
N LEU B 126 36.84 23.56 3.16
CA LEU B 126 35.84 22.49 3.22
C LEU B 126 35.01 22.47 1.95
N ALA B 127 34.61 23.65 1.45
CA ALA B 127 33.87 23.71 0.19
C ALA B 127 34.61 22.97 -0.91
N LYS B 128 35.93 23.13 -0.95
CA LYS B 128 36.72 22.40 -1.93
C LYS B 128 36.63 20.90 -1.71
N LEU B 129 36.66 20.46 -0.46
CA LEU B 129 36.52 19.03 -0.18
C LEU B 129 35.13 18.53 -0.51
N LEU B 130 34.09 19.29 -0.14
CA LEU B 130 32.72 18.90 -0.47
C LEU B 130 32.55 18.69 -1.97
N ASP B 131 33.03 19.66 -2.77
CA ASP B 131 32.92 19.55 -4.22
C ASP B 131 33.67 18.33 -4.75
N LYS B 132 34.74 17.91 -4.07
CA LYS B 132 35.54 16.79 -4.55
C LYS B 132 34.73 15.50 -4.62
N TYR B 133 33.70 15.37 -3.78
CA TYR B 133 32.92 14.13 -3.72
C TYR B 133 31.51 14.30 -4.27
N ASP B 134 31.35 14.84 -5.47
CA ASP B 134 30.03 14.99 -6.07
C ASP B 134 29.35 13.65 -6.35
N VAL B 135 30.07 12.55 -6.14
CA VAL B 135 29.47 11.23 -6.34
C VAL B 135 28.84 10.66 -5.08
N LEU B 136 29.17 11.19 -3.90
CA LEU B 136 28.54 10.74 -2.67
C LEU B 136 27.18 11.39 -2.45
N TRP B 137 26.99 12.61 -2.96
CA TRP B 137 25.74 13.31 -2.71
C TRP B 137 24.65 12.85 -3.67
N GLN B 138 23.41 13.04 -3.24
CA GLN B 138 22.25 12.67 -4.06
C GLN B 138 21.81 13.90 -4.86
N GLN B 139 21.80 13.75 -6.18
CA GLN B 139 21.30 14.80 -7.07
C GLN B 139 19.94 14.44 -7.64
N TRP B 140 19.31 13.37 -7.15
CA TRP B 140 18.09 12.84 -7.73
C TRP B 140 17.13 12.46 -6.63
N GLU B 141 15.87 12.87 -6.77
CA GLU B 141 14.84 12.48 -5.83
C GLU B 141 14.61 10.98 -5.92
N ASN B 142 14.51 10.32 -4.77
CA ASN B 142 14.33 8.86 -4.67
C ASN B 142 15.50 8.09 -5.27
N GLN B 143 16.71 8.66 -5.19
CA GLN B 143 17.89 7.94 -5.63
C GLN B 143 18.35 6.97 -4.55
N VAL B 144 18.82 5.80 -4.97
CA VAL B 144 19.26 4.77 -4.05
C VAL B 144 20.75 4.52 -4.26
N GLY B 145 21.38 3.95 -3.25
CA GLY B 145 22.75 3.49 -3.33
C GLY B 145 22.82 2.03 -3.69
N HIS B 146 23.88 1.36 -3.22
CA HIS B 146 24.03 -0.07 -3.38
C HIS B 146 25.21 -0.58 -2.55
N ARG B 147 24.93 -1.43 -1.58
CA ARG B 147 25.99 -2.06 -0.79
C ARG B 147 26.42 -3.35 -1.47
N LYS B 148 27.75 -3.54 -1.60
CA LYS B 148 28.29 -4.75 -2.18
C LYS B 148 28.35 -5.87 -1.16
N ILE B 149 27.50 -5.79 -0.13
CA ILE B 149 27.43 -6.81 0.90
C ILE B 149 26.63 -8.00 0.36
N PRO B 150 26.86 -9.21 0.87
CA PRO B 150 26.02 -10.34 0.47
C PRO B 150 24.57 -10.09 0.86
N PRO B 151 23.63 -10.44 0.00
CA PRO B 151 22.24 -10.04 0.22
C PRO B 151 21.64 -10.68 1.47
N HIS B 152 20.67 -9.99 2.06
CA HIS B 152 20.08 -10.38 3.33
C HIS B 152 18.94 -11.36 3.11
N ASN B 153 18.97 -12.47 3.83
CA ASN B 153 17.87 -13.45 3.83
C ASN B 153 16.90 -12.99 4.92
N ILE B 154 15.82 -12.32 4.52
CA ILE B 154 14.88 -11.75 5.47
C ILE B 154 13.67 -12.64 5.71
N ALA B 155 13.51 -13.73 4.95
CA ALA B 155 12.39 -14.63 5.17
C ALA B 155 12.72 -15.64 6.25
N THR B 156 13.09 -15.16 7.43
CA THR B 156 13.59 -16.01 8.51
C THR B 156 12.48 -16.54 9.41
N GLY B 157 11.22 -16.42 9.00
CA GLY B 157 10.13 -17.04 9.73
C GLY B 157 9.96 -18.50 9.35
N THR B 158 9.03 -19.14 10.04
CA THR B 158 8.69 -20.54 9.75
C THR B 158 7.30 -20.73 9.19
N VAL B 159 6.33 -19.93 9.61
CA VAL B 159 4.99 -19.94 9.03
C VAL B 159 4.82 -18.68 8.20
N ALA B 160 4.13 -18.81 7.07
CA ALA B 160 3.96 -17.69 6.17
C ALA B 160 2.85 -16.76 6.67
N PRO B 161 2.98 -15.46 6.42
CA PRO B 161 1.91 -14.53 6.79
C PRO B 161 0.71 -14.71 5.87
N ARG B 162 -0.48 -14.62 6.45
CA ARG B 162 -1.70 -14.67 5.64
C ARG B 162 -1.74 -13.45 4.73
N PRO B 163 -2.00 -13.63 3.43
CA PRO B 163 -2.13 -12.48 2.54
C PRO B 163 -3.21 -11.51 3.03
N GLN B 164 -2.98 -10.23 2.77
CA GLN B 164 -3.80 -9.18 3.33
C GLN B 164 -4.53 -8.42 2.22
N ARG B 165 -5.73 -7.94 2.56
CA ARG B 165 -6.61 -7.28 1.62
C ARG B 165 -6.24 -5.80 1.49
N GLN B 166 -6.79 -5.16 0.46
CA GLN B 166 -6.42 -3.79 0.11
C GLN B 166 -7.65 -3.00 -0.32
N TYR B 167 -7.72 -1.74 0.12
CA TYR B 167 -8.82 -0.86 -0.20
C TYR B 167 -8.35 0.25 -1.14
N HIS B 168 -9.31 0.89 -1.80
CA HIS B 168 -8.99 1.88 -2.82
C HIS B 168 -8.19 3.04 -2.21
N ILE B 169 -7.30 3.60 -3.02
CA ILE B 169 -6.33 4.60 -2.58
C ILE B 169 -6.75 5.97 -3.09
N ASN B 170 -6.51 7.00 -2.28
CA ASN B 170 -6.89 8.36 -2.63
C ASN B 170 -6.25 8.76 -3.95
N THR B 171 -7.08 9.19 -4.90
CA THR B 171 -6.62 9.35 -6.27
C THR B 171 -5.62 10.51 -6.40
N LYS B 172 -5.70 11.50 -5.52
CA LYS B 172 -4.71 12.58 -5.56
C LYS B 172 -3.35 12.09 -5.08
N ALA B 173 -3.32 11.01 -4.29
CA ALA B 173 -2.06 10.49 -3.76
C ALA B 173 -1.32 9.61 -4.74
N LYS B 174 -1.98 9.19 -5.82
CA LYS B 174 -1.37 8.20 -6.71
C LYS B 174 -0.20 8.77 -7.51
N PRO B 175 -0.29 9.95 -8.16
CA PRO B 175 0.85 10.38 -8.98
C PRO B 175 2.11 10.65 -8.18
N SER B 176 2.00 11.09 -6.93
CA SER B 176 3.19 11.21 -6.08
C SER B 176 3.82 9.84 -5.86
N ILE B 177 3.03 8.88 -5.37
CA ILE B 177 3.53 7.54 -5.12
C ILE B 177 3.98 6.89 -6.41
N GLN B 178 3.26 7.14 -7.51
CA GLN B 178 3.61 6.53 -8.79
C GLN B 178 4.98 7.00 -9.26
N GLN B 179 5.27 8.29 -9.10
CA GLN B 179 6.59 8.80 -9.45
C GLN B 179 7.67 8.15 -8.61
N VAL B 180 7.40 7.95 -7.32
CA VAL B 180 8.37 7.29 -6.44
C VAL B 180 8.58 5.85 -6.89
N ILE B 181 7.48 5.14 -7.19
CA ILE B 181 7.59 3.76 -7.66
C ILE B 181 8.27 3.72 -9.03
N ASP B 182 7.93 4.67 -9.90
CA ASP B 182 8.55 4.71 -11.23
C ASP B 182 10.06 4.89 -11.12
N ASP B 183 10.50 5.73 -10.19
CA ASP B 183 11.93 5.91 -9.98
C ASP B 183 12.56 4.64 -9.41
N LEU B 184 11.88 4.01 -8.44
CA LEU B 184 12.43 2.80 -7.84
C LEU B 184 12.46 1.64 -8.82
N LEU B 185 11.53 1.61 -9.77
CA LEU B 185 11.53 0.56 -10.79
C LEU B 185 12.73 0.71 -11.73
N LYS B 186 13.02 1.95 -12.14
CA LYS B 186 14.11 2.18 -13.09
C LYS B 186 15.46 1.81 -12.49
N GLN B 187 15.61 1.94 -11.18
CA GLN B 187 16.85 1.57 -10.51
C GLN B 187 16.92 0.08 -10.18
N GLY B 188 15.80 -0.63 -10.27
CA GLY B 188 15.77 -2.04 -9.92
C GLY B 188 15.43 -2.33 -8.48
N VAL B 189 15.01 -1.32 -7.71
CA VAL B 189 14.64 -1.55 -6.32
C VAL B 189 13.30 -2.28 -6.25
N LEU B 190 12.35 -1.86 -7.07
CA LEU B 190 11.04 -2.50 -7.17
C LEU B 190 10.93 -3.19 -8.53
N ILE B 191 10.37 -4.41 -8.52
CA ILE B 191 10.08 -5.13 -9.76
C ILE B 191 8.65 -5.66 -9.69
N LYS B 192 8.02 -5.78 -10.86
CA LYS B 192 6.66 -6.30 -10.93
C LYS B 192 6.72 -7.82 -10.96
N GLN B 193 6.29 -8.44 -9.86
CA GLN B 193 6.38 -9.88 -9.69
C GLN B 193 5.19 -10.34 -8.85
N THR B 194 4.63 -11.49 -9.20
CA THR B 194 3.54 -12.08 -8.43
C THR B 194 4.11 -12.90 -7.28
N SER B 195 3.54 -12.72 -6.09
CA SER B 195 3.97 -13.45 -4.91
C SER B 195 2.77 -14.08 -4.24
N VAL B 196 3.05 -15.02 -3.33
CA VAL B 196 1.98 -15.64 -2.55
C VAL B 196 1.42 -14.65 -1.55
N MET B 197 2.29 -13.90 -0.87
CA MET B 197 1.91 -12.96 0.16
C MET B 197 1.54 -11.60 -0.44
N ASN B 198 1.01 -10.72 0.41
CA ASN B 198 0.67 -9.36 0.01
C ASN B 198 0.45 -8.49 1.24
N THR B 199 1.09 -7.32 1.28
CA THR B 199 1.03 -6.36 2.37
C THR B 199 0.30 -5.10 1.94
N PRO B 200 -0.57 -4.55 2.80
CA PRO B 200 -1.32 -3.35 2.42
C PRO B 200 -0.42 -2.13 2.24
N ILE B 201 -0.94 -1.16 1.49
CA ILE B 201 -0.29 0.12 1.25
C ILE B 201 -1.29 1.24 1.51
N TYR B 202 -0.90 2.22 2.34
CA TYR B 202 -1.78 3.35 2.54
C TYR B 202 -0.99 4.65 2.45
N PRO B 203 -1.57 5.68 1.83
CA PRO B 203 -0.84 6.94 1.63
C PRO B 203 -1.13 7.97 2.71
N VAL B 204 -0.19 8.85 2.98
CA VAL B 204 -0.33 9.82 4.05
C VAL B 204 0.11 11.18 3.54
N PRO B 205 -0.51 12.29 3.96
CA PRO B 205 -0.09 13.61 3.45
C PRO B 205 1.27 14.02 3.97
N LYS B 206 2.07 14.60 3.09
CA LYS B 206 3.32 15.26 3.43
C LYS B 206 3.04 16.72 3.78
N PRO B 207 4.03 17.44 4.36
CA PRO B 207 3.82 18.87 4.60
C PRO B 207 3.52 19.66 3.34
N ASP B 208 4.25 19.40 2.25
CA ASP B 208 3.99 20.06 0.98
C ASP B 208 2.79 19.43 0.29
N GLY B 209 2.67 19.64 -1.03
CA GLY B 209 1.53 19.12 -1.76
C GLY B 209 1.58 17.67 -2.13
N LYS B 210 2.72 17.01 -1.95
CA LYS B 210 2.89 15.63 -2.36
C LYS B 210 2.44 14.69 -1.25
N TRP B 211 2.32 13.40 -1.60
CA TRP B 211 1.95 12.35 -0.67
C TRP B 211 3.12 11.41 -0.45
N ARG B 212 2.99 10.56 0.57
CA ARG B 212 4.02 9.60 0.93
C ARG B 212 3.40 8.21 1.10
N MET B 213 4.08 7.20 0.56
CA MET B 213 3.60 5.83 0.60
C MET B 213 4.05 5.15 1.89
N VAL B 214 3.14 4.42 2.50
CA VAL B 214 3.41 3.66 3.72
C VAL B 214 3.07 2.20 3.47
N LEU B 215 3.89 1.31 4.01
CA LEU B 215 3.71 -0.14 3.88
C LEU B 215 3.41 -0.71 5.26
N ASP B 216 2.22 -1.32 5.40
CA ASP B 216 1.70 -1.74 6.70
C ASP B 216 2.13 -3.18 6.97
N TYR B 217 3.39 -3.33 7.35
CA TYR B 217 4.02 -4.65 7.46
C TYR B 217 3.76 -5.35 8.79
N ARG B 218 2.73 -4.98 9.56
CA ARG B 218 2.54 -5.58 10.88
C ARG B 218 2.24 -7.07 10.77
N ALA B 219 1.26 -7.43 9.93
CA ALA B 219 0.95 -8.85 9.72
C ALA B 219 2.17 -9.60 9.21
N VAL B 220 3.07 -8.91 8.51
CA VAL B 220 4.33 -9.52 8.10
C VAL B 220 5.28 -9.62 9.28
N ASN B 221 5.37 -8.55 10.08
CA ASN B 221 6.35 -8.50 11.17
C ASN B 221 6.08 -9.60 12.21
N LYS B 222 4.82 -9.99 12.39
CA LYS B 222 4.46 -10.95 13.43
C LYS B 222 4.89 -12.38 13.11
N THR B 223 5.41 -12.65 11.91
CA THR B 223 5.80 -13.99 11.53
C THR B 223 7.31 -14.17 11.42
N VAL B 224 8.09 -13.15 11.76
CA VAL B 224 9.53 -13.17 11.51
C VAL B 224 10.27 -12.89 12.82
N PRO B 225 11.38 -13.56 13.08
CA PRO B 225 12.13 -13.30 14.33
C PRO B 225 12.93 -12.01 14.25
N LEU B 226 13.02 -11.33 15.39
CA LEU B 226 13.76 -10.07 15.47
C LEU B 226 15.25 -10.35 15.51
N ILE B 227 16.01 -9.56 14.76
CA ILE B 227 17.47 -9.70 14.72
C ILE B 227 18.09 -8.94 15.89
N ARG B 243 31.45 14.24 21.81
CA ARG B 243 31.03 15.57 22.26
C ARG B 243 32.22 16.49 22.52
N GLN B 244 32.31 17.55 21.72
CA GLN B 244 33.36 18.56 21.91
C GLN B 244 32.87 19.87 21.30
N LYS B 245 33.81 20.73 20.91
CA LYS B 245 33.44 22.04 20.37
C LYS B 245 32.78 21.91 19.01
N TYR B 246 33.50 21.37 18.03
CA TYR B 246 33.04 21.32 16.64
C TYR B 246 32.27 20.03 16.41
N LYS B 247 31.00 20.15 16.03
CA LYS B 247 30.11 19.01 15.89
C LYS B 247 29.59 18.94 14.45
N SER B 248 29.02 17.79 14.11
CA SER B 248 28.54 17.54 12.76
C SER B 248 27.60 16.34 12.77
N THR B 249 26.65 16.33 11.83
CA THR B 249 25.72 15.22 11.65
C THR B 249 25.49 15.03 10.15
N ILE B 250 26.04 13.96 9.58
CA ILE B 250 25.80 13.61 8.19
C ILE B 250 24.75 12.51 8.14
N ASP B 251 23.76 12.67 7.27
CA ASP B 251 22.57 11.83 7.24
C ASP B 251 22.51 11.05 5.94
N LEU B 252 22.66 9.73 6.02
CA LEU B 252 22.48 8.89 4.85
C LEU B 252 21.06 9.05 4.30
N SER B 253 20.91 8.76 3.01
CA SER B 253 19.66 8.98 2.29
C SER B 253 19.10 7.64 1.82
N ASN B 254 17.96 7.25 2.39
CA ASN B 254 17.27 6.00 2.02
C ASN B 254 18.22 4.82 2.12
N GLY B 255 18.91 4.72 3.25
CA GLY B 255 19.90 3.68 3.43
C GLY B 255 19.32 2.28 3.36
N PHE B 256 18.05 2.13 3.74
CA PHE B 256 17.39 0.83 3.65
C PHE B 256 17.46 0.27 2.23
N TRP B 257 17.17 1.13 1.24
CA TRP B 257 17.11 0.77 -0.16
C TRP B 257 18.49 0.53 -0.77
N ALA B 258 19.57 0.55 0.01
CA ALA B 258 20.88 0.22 -0.48
C ALA B 258 21.32 -1.18 -0.09
N HIS B 259 20.48 -1.91 0.67
CA HIS B 259 20.82 -3.23 1.15
C HIS B 259 20.12 -4.28 0.31
N PRO B 260 20.84 -5.05 -0.51
CA PRO B 260 20.18 -6.13 -1.26
C PRO B 260 19.65 -7.22 -0.32
N ILE B 261 18.48 -7.74 -0.65
CA ILE B 261 17.90 -8.89 0.03
C ILE B 261 17.86 -10.06 -0.94
N THR B 262 18.06 -11.27 -0.42
CA THR B 262 18.16 -12.45 -1.27
C THR B 262 16.88 -12.68 -2.03
N LYS B 263 17.00 -13.40 -3.16
CA LYS B 263 15.89 -13.55 -4.09
C LYS B 263 14.76 -14.39 -3.49
N ASP B 264 15.10 -15.40 -2.68
CA ASP B 264 14.08 -16.26 -2.10
C ASP B 264 13.41 -15.64 -0.88
N SER B 265 13.83 -14.46 -0.45
CA SER B 265 13.20 -13.74 0.64
C SER B 265 12.40 -12.53 0.15
N GLN B 266 12.31 -12.33 -1.16
CA GLN B 266 11.65 -11.16 -1.72
C GLN B 266 10.13 -11.28 -1.67
N TRP B 267 9.62 -12.50 -1.84
CA TRP B 267 8.19 -12.71 -2.01
C TRP B 267 7.38 -12.12 -0.85
N ILE B 268 7.98 -12.03 0.33
CA ILE B 268 7.23 -11.61 1.52
C ILE B 268 7.05 -10.10 1.57
N THR B 269 7.86 -9.35 0.83
CA THR B 269 7.77 -7.89 0.84
C THR B 269 6.74 -7.33 -0.12
N ALA B 270 5.96 -8.19 -0.77
CA ALA B 270 5.15 -7.75 -1.91
C ALA B 270 3.93 -6.95 -1.49
N PHE B 271 3.64 -5.92 -2.28
CA PHE B 271 2.43 -5.13 -2.15
C PHE B 271 1.83 -4.91 -3.53
N THR B 272 0.57 -4.51 -3.58
CA THR B 272 -0.19 -4.42 -4.83
C THR B 272 -0.46 -2.95 -5.14
N TRP B 273 0.19 -2.43 -6.17
CA TRP B 273 0.00 -1.06 -6.63
C TRP B 273 -0.55 -1.07 -8.04
N GLU B 274 -1.65 -0.34 -8.25
CA GLU B 274 -2.35 -0.30 -9.53
C GLU B 274 -2.58 -1.70 -10.08
N GLY B 275 -2.96 -2.61 -9.18
CA GLY B 275 -3.38 -3.94 -9.57
C GLY B 275 -2.26 -4.88 -9.95
N LYS B 276 -1.01 -4.46 -9.85
CA LYS B 276 0.11 -5.36 -10.05
C LYS B 276 0.96 -5.40 -8.77
N GLN B 277 1.42 -6.61 -8.44
CA GLN B 277 2.22 -6.81 -7.24
C GLN B 277 3.65 -6.35 -7.50
N HIS B 278 4.17 -5.52 -6.59
CA HIS B 278 5.54 -5.04 -6.65
C HIS B 278 6.36 -5.69 -5.54
N VAL B 279 7.51 -6.22 -5.90
CA VAL B 279 8.41 -6.91 -4.98
C VAL B 279 9.65 -6.05 -4.76
N TRP B 280 10.08 -5.96 -3.51
CA TRP B 280 11.28 -5.20 -3.15
C TRP B 280 12.52 -6.05 -3.35
N THR B 281 13.53 -5.48 -4.01
CA THR B 281 14.83 -6.12 -4.11
C THR B 281 15.75 -5.72 -2.98
N ARG B 282 15.27 -4.92 -2.03
CA ARG B 282 16.10 -4.38 -0.96
C ARG B 282 15.25 -4.33 0.30
N LEU B 283 15.87 -3.92 1.40
CA LEU B 283 15.15 -3.85 2.67
C LEU B 283 14.06 -2.78 2.58
N PRO B 284 12.79 -3.12 2.79
CA PRO B 284 11.72 -2.13 2.71
C PRO B 284 11.50 -1.35 4.00
N GLN B 285 11.07 -0.11 3.84
CA GLN B 285 10.72 0.73 4.97
C GLN B 285 9.48 0.17 5.65
N GLY B 286 9.57 -0.10 6.95
CA GLY B 286 8.49 -0.70 7.69
C GLY B 286 8.70 -2.16 8.03
N PHE B 287 9.70 -2.81 7.45
CA PHE B 287 10.02 -4.18 7.82
C PHE B 287 10.61 -4.22 9.23
N LEU B 288 10.50 -5.37 9.87
CA LEU B 288 10.99 -5.55 11.24
C LEU B 288 12.49 -5.36 11.32
N ASN B 289 13.26 -6.30 10.74
CA ASN B 289 14.70 -6.33 10.88
C ASN B 289 15.42 -5.48 9.85
N SER B 290 14.78 -4.46 9.31
CA SER B 290 15.48 -3.60 8.35
C SER B 290 16.27 -2.49 9.06
N PRO B 291 15.75 -1.84 10.11
CA PRO B 291 16.60 -0.88 10.82
C PRO B 291 17.77 -1.53 11.53
N ALA B 292 17.56 -2.71 12.12
CA ALA B 292 18.64 -3.39 12.81
C ALA B 292 19.74 -3.80 11.85
N LEU B 293 19.36 -4.46 10.74
CA LEU B 293 20.35 -4.86 9.74
C LEU B 293 21.00 -3.67 9.05
N PHE B 294 20.34 -2.51 9.04
CA PHE B 294 20.90 -1.33 8.40
C PHE B 294 22.03 -0.73 9.24
N THR B 295 21.72 -0.36 10.49
CA THR B 295 22.72 0.31 11.33
C THR B 295 23.82 -0.65 11.76
N ALA B 296 23.53 -1.95 11.81
CA ALA B 296 24.58 -2.91 12.15
C ALA B 296 25.68 -2.97 11.10
N ASP B 297 25.39 -2.40 9.92
CA ASP B 297 26.37 -2.41 8.79
C ASP B 297 27.26 -1.17 8.84
N VAL B 298 26.73 -0.03 9.31
CA VAL B 298 27.53 1.19 9.35
C VAL B 298 28.42 1.20 10.59
N VAL B 299 27.95 0.63 11.71
CA VAL B 299 28.79 0.56 12.89
C VAL B 299 30.01 -0.31 12.64
N ASP B 300 29.90 -1.30 11.76
CA ASP B 300 31.03 -2.16 11.43
C ASP B 300 31.87 -1.57 10.31
N LEU B 301 31.25 -0.83 9.39
CA LEU B 301 32.00 -0.01 8.45
C LEU B 301 32.95 0.93 9.17
N LEU B 302 32.45 1.58 10.23
CA LEU B 302 33.20 2.61 10.95
C LEU B 302 33.69 2.11 12.30
N LYS B 303 33.83 0.80 12.48
CA LYS B 303 34.24 0.26 13.76
C LYS B 303 35.62 0.76 14.16
N ASN B 304 36.51 0.96 13.19
CA ASN B 304 37.87 1.38 13.47
C ASN B 304 37.97 2.86 13.85
N ILE B 305 36.99 3.67 13.45
CA ILE B 305 36.99 5.09 13.79
C ILE B 305 36.37 5.26 15.17
N PRO B 306 37.13 5.76 16.15
CA PRO B 306 36.55 6.01 17.48
C PRO B 306 35.70 7.27 17.50
N GLY B 307 34.84 7.33 18.51
CA GLY B 307 34.03 8.51 18.75
C GLY B 307 32.77 8.62 17.94
N ILE B 308 32.51 7.68 17.04
CA ILE B 308 31.31 7.76 16.21
C ILE B 308 30.08 7.44 17.05
N SER B 309 28.92 7.82 16.52
CA SER B 309 27.64 7.49 17.17
C SER B 309 26.56 7.61 16.09
N VAL B 310 26.19 6.49 15.49
CA VAL B 310 25.15 6.47 14.47
C VAL B 310 23.84 6.07 15.12
N TYR B 311 22.75 6.71 14.69
CA TYR B 311 21.41 6.32 15.09
C TYR B 311 20.54 6.25 13.85
N VAL B 312 19.86 5.12 13.67
CA VAL B 312 19.13 4.76 12.45
C VAL B 312 19.78 5.36 11.21
N ASP B 313 19.42 6.59 10.85
CA ASP B 313 19.83 7.18 9.59
C ASP B 313 20.90 8.25 9.71
N ASP B 314 21.13 8.79 10.90
CA ASP B 314 22.12 9.83 11.09
C ASP B 314 23.50 9.26 11.38
N ILE B 315 24.50 10.14 11.36
CA ILE B 315 25.88 9.83 11.73
C ILE B 315 26.37 11.00 12.58
N TYR B 316 26.99 10.69 13.72
CA TYR B 316 27.45 11.73 14.63
C TYR B 316 28.95 11.63 14.84
N PHE B 317 29.65 12.75 14.66
CA PHE B 317 31.07 12.86 14.92
C PHE B 317 31.35 14.22 15.54
N SER B 318 32.35 14.27 16.40
CA SER B 318 32.76 15.49 17.06
C SER B 318 34.27 15.52 17.15
N THR B 319 34.84 16.73 17.17
CA THR B 319 36.28 16.89 17.16
C THR B 319 36.68 18.06 18.03
N GLU B 320 37.97 18.12 18.36
CA GLU B 320 38.50 19.22 19.16
C GLU B 320 38.81 20.45 18.31
N THR B 321 39.16 20.25 17.04
CA THR B 321 39.57 21.34 16.17
C THR B 321 38.84 21.21 14.83
N VAL B 322 39.09 22.19 13.95
CA VAL B 322 38.63 22.10 12.57
C VAL B 322 39.57 21.31 11.68
N SER B 323 40.86 21.21 12.05
CA SER B 323 41.80 20.41 11.27
C SER B 323 41.47 18.92 11.36
N GLU B 324 41.26 18.42 12.58
CA GLU B 324 40.84 17.03 12.75
C GLU B 324 39.46 16.78 12.17
N HIS B 325 38.57 17.77 12.23
CA HIS B 325 37.21 17.60 11.73
C HIS B 325 37.18 17.32 10.24
N LEU B 326 38.03 18.02 9.48
CA LEU B 326 38.06 17.81 8.04
C LEU B 326 38.79 16.52 7.66
N LYS B 327 39.75 16.08 8.47
CA LYS B 327 40.45 14.84 8.18
C LYS B 327 39.55 13.63 8.36
N ILE B 328 38.63 13.68 9.32
CA ILE B 328 37.72 12.55 9.55
C ILE B 328 36.61 12.53 8.51
N LEU B 329 36.16 13.72 8.07
CA LEU B 329 35.17 13.80 7.01
C LEU B 329 35.62 13.03 5.78
N GLU B 330 36.84 13.30 5.30
CA GLU B 330 37.38 12.56 4.17
C GLU B 330 37.52 11.08 4.49
N LYS B 331 37.85 10.76 5.75
CA LYS B 331 37.94 9.37 6.15
C LYS B 331 36.56 8.70 6.14
N VAL B 332 35.54 9.40 6.65
CA VAL B 332 34.21 8.81 6.71
C VAL B 332 33.56 8.80 5.33
N PHE B 333 33.69 9.90 4.59
CA PHE B 333 33.13 9.97 3.24
C PHE B 333 33.69 8.85 2.36
N LYS B 334 34.99 8.56 2.50
CA LYS B 334 35.62 7.54 1.67
C LYS B 334 35.05 6.15 1.97
N ILE B 335 34.81 5.84 3.25
CA ILE B 335 34.24 4.55 3.60
C ILE B 335 32.85 4.42 3.02
N LEU B 336 32.05 5.49 3.09
CA LEU B 336 30.69 5.47 2.57
C LEU B 336 30.68 5.19 1.07
N LEU B 337 31.51 5.91 0.31
CA LEU B 337 31.59 5.70 -1.14
C LEU B 337 32.02 4.29 -1.48
N GLU B 338 33.11 3.82 -0.86
CA GLU B 338 33.64 2.49 -1.16
C GLU B 338 32.61 1.41 -0.82
N ALA B 339 31.96 1.55 0.34
CA ALA B 339 30.88 0.64 0.68
C ALA B 339 29.74 0.74 -0.33
N GLY B 340 29.18 1.93 -0.50
CA GLY B 340 28.20 2.14 -1.55
C GLY B 340 26.98 2.97 -1.16
N TYR B 341 27.03 3.65 -0.03
CA TYR B 341 25.91 4.51 0.33
C TYR B 341 26.01 5.85 -0.39
N ILE B 342 24.92 6.62 -0.31
CA ILE B 342 24.90 8.01 -0.74
C ILE B 342 24.23 8.83 0.35
N VAL B 343 24.81 9.99 0.65
CA VAL B 343 24.36 10.86 1.73
C VAL B 343 23.70 12.08 1.11
N SER B 344 22.64 12.56 1.76
CA SER B 344 21.91 13.73 1.31
C SER B 344 22.45 14.97 2.03
N LEU B 345 22.93 15.94 1.25
CA LEU B 345 23.50 17.15 1.84
C LEU B 345 22.44 18.02 2.50
N LYS B 346 21.20 17.96 2.01
CA LYS B 346 20.15 18.77 2.61
C LYS B 346 19.88 18.38 4.05
N LYS B 347 19.71 17.09 4.30
CA LYS B 347 19.36 16.59 5.63
C LYS B 347 20.55 16.54 6.58
N SER B 348 21.73 16.97 6.16
CA SER B 348 22.93 16.91 6.98
C SER B 348 23.33 18.29 7.47
N ALA B 349 24.11 18.30 8.56
CA ALA B 349 24.64 19.53 9.15
C ALA B 349 26.03 19.24 9.69
N LEU B 350 26.91 20.24 9.62
CA LEU B 350 28.30 20.03 9.99
C LEU B 350 28.99 21.35 10.28
N LEU B 351 30.12 21.23 10.99
CA LEU B 351 30.97 22.38 11.43
C LEU B 351 30.10 23.41 12.16
N ARG B 352 29.21 22.94 13.05
CA ARG B 352 28.37 23.85 13.81
C ARG B 352 28.65 23.70 15.29
N TYR B 353 28.67 24.83 16.00
CA TYR B 353 28.73 24.79 17.46
C TYR B 353 27.50 24.11 18.06
N GLU B 354 26.43 23.96 17.28
CA GLU B 354 25.23 23.26 17.72
C GLU B 354 24.70 22.40 16.59
N VAL B 355 24.35 21.15 16.92
CA VAL B 355 23.65 20.24 16.02
C VAL B 355 22.48 19.63 16.78
N THR B 356 21.67 18.84 16.08
CA THR B 356 20.61 18.05 16.68
C THR B 356 20.81 16.59 16.32
N PHE B 357 20.44 15.71 17.25
CA PHE B 357 20.73 14.29 17.14
C PHE B 357 19.98 13.53 18.23
N LEU B 358 19.25 12.49 17.85
CA LEU B 358 18.38 11.74 18.76
C LEU B 358 17.27 12.61 19.35
N GLY B 359 16.96 13.74 18.71
CA GLY B 359 15.94 14.63 19.17
C GLY B 359 16.40 15.71 20.12
N PHE B 360 17.65 15.70 20.55
CA PHE B 360 18.17 16.67 21.49
C PHE B 360 19.03 17.70 20.78
N SER B 361 19.71 18.54 21.56
CA SER B 361 20.71 19.48 21.06
C SER B 361 22.06 19.08 21.61
N ILE B 362 23.05 18.96 20.73
CA ILE B 362 24.43 18.66 21.14
C ILE B 362 25.10 20.00 21.38
N THR B 363 25.07 20.44 22.64
CA THR B 363 25.62 21.75 23.00
C THR B 363 27.15 21.73 22.93
N GLN B 364 27.74 22.84 23.32
CA GLN B 364 29.19 23.01 23.23
C GLN B 364 29.87 22.26 24.36
N THR B 365 30.68 21.27 24.00
CA THR B 365 31.48 20.49 24.95
C THR B 365 30.62 19.85 26.04
N GLN B 378 15.71 16.60 39.39
CA GLN B 378 14.39 17.00 39.83
C GLN B 378 14.28 18.51 40.02
N ASN B 379 13.89 18.92 41.23
CA ASN B 379 13.68 20.31 41.62
C ASN B 379 12.47 20.92 40.91
N ILE B 380 11.94 22.00 41.49
CA ILE B 380 10.72 22.65 41.01
C ILE B 380 10.80 24.15 41.18
N THR B 381 9.67 24.83 41.03
CA THR B 381 9.51 26.23 41.38
C THR B 381 8.32 26.38 42.32
N SER B 382 8.36 27.43 43.14
CA SER B 382 7.40 27.58 44.22
C SER B 382 5.98 27.70 43.67
N PRO B 383 4.98 27.22 44.42
CA PRO B 383 3.60 27.30 43.97
C PRO B 383 2.93 28.62 44.34
N ARG B 384 1.94 28.99 43.53
CA ARG B 384 1.23 30.26 43.69
C ARG B 384 -0.19 30.10 44.21
N THR B 385 -0.94 29.11 43.73
CA THR B 385 -2.30 28.88 44.20
C THR B 385 -2.43 27.47 44.77
N LEU B 386 -3.56 27.23 45.42
CA LEU B 386 -3.80 25.94 46.06
C LEU B 386 -3.83 24.81 45.03
N LYS B 387 -4.16 25.12 43.78
CA LYS B 387 -4.21 24.10 42.75
C LYS B 387 -2.82 23.57 42.43
N GLU B 388 -1.82 24.45 42.37
CA GLU B 388 -0.45 24.00 42.18
C GLU B 388 -0.03 23.07 43.32
N LEU B 389 -0.26 23.48 44.56
CA LEU B 389 0.12 22.67 45.71
C LEU B 389 -0.62 21.34 45.71
N GLN B 390 -1.89 21.34 45.28
CA GLN B 390 -2.68 20.12 45.31
C GLN B 390 -2.14 19.09 44.32
N SER B 391 -1.73 19.53 43.12
CA SER B 391 -1.14 18.62 42.17
C SER B 391 0.27 18.19 42.57
N ILE B 392 0.91 18.91 43.50
CA ILE B 392 2.18 18.44 44.06
C ILE B 392 1.95 17.22 44.93
N LEU B 393 0.96 17.29 45.82
CA LEU B 393 0.67 16.17 46.72
C LEU B 393 0.38 14.90 45.92
N GLY B 394 -0.36 15.03 44.83
CA GLY B 394 -0.64 13.87 43.99
C GLY B 394 0.60 13.31 43.32
N LEU B 395 1.55 14.18 42.96
CA LEU B 395 2.76 13.72 42.30
C LEU B 395 3.51 12.73 43.18
N PHE B 396 3.73 13.09 44.45
CA PHE B 396 4.52 12.30 45.36
C PHE B 396 3.68 11.31 46.17
N ASN B 397 2.40 11.16 45.85
CA ASN B 397 1.55 10.25 46.61
C ASN B 397 1.99 8.80 46.47
N PHE B 398 2.75 8.47 45.42
CA PHE B 398 3.26 7.11 45.28
C PHE B 398 4.29 6.79 46.34
N ALA B 399 4.96 7.80 46.89
CA ALA B 399 6.10 7.60 47.77
C ALA B 399 5.72 7.19 49.18
N ARG B 400 4.44 7.29 49.55
CA ARG B 400 4.03 6.92 50.91
C ARG B 400 4.31 5.46 51.22
N ASN B 401 4.41 4.61 50.19
CA ASN B 401 4.61 3.19 50.40
C ASN B 401 6.06 2.86 50.73
N PHE B 402 7.00 3.37 49.93
CA PHE B 402 8.40 2.97 50.02
C PHE B 402 9.26 3.90 50.86
N VAL B 403 8.69 4.94 51.45
CA VAL B 403 9.42 5.89 52.29
C VAL B 403 8.89 5.77 53.71
N PRO B 404 9.75 5.65 54.72
CA PRO B 404 9.26 5.44 56.09
C PRO B 404 8.69 6.70 56.74
N ASN B 405 9.38 7.82 56.61
CA ASN B 405 9.04 9.03 57.34
C ASN B 405 8.17 9.99 56.54
N PHE B 406 7.36 9.49 55.59
CA PHE B 406 6.67 10.38 54.68
C PHE B 406 5.60 11.21 55.39
N SER B 407 4.90 10.61 56.36
CA SER B 407 3.77 11.29 57.01
C SER B 407 4.20 12.63 57.61
N GLU B 408 5.34 12.64 58.30
CA GLU B 408 5.81 13.86 58.95
C GLU B 408 6.21 14.91 57.92
N ILE B 409 7.01 14.52 56.92
CA ILE B 409 7.43 15.46 55.89
C ILE B 409 6.21 15.97 55.14
N ILE B 410 5.25 15.10 54.85
CA ILE B 410 4.07 15.50 54.09
C ILE B 410 3.06 16.28 54.93
N LYS B 411 3.26 16.37 56.24
CA LYS B 411 2.26 17.02 57.09
C LYS B 411 2.22 18.53 56.86
N PRO B 412 3.37 19.19 56.66
CA PRO B 412 3.32 20.60 56.22
C PRO B 412 2.33 20.88 55.11
N LEU B 413 2.34 20.08 54.06
CA LEU B 413 1.51 20.34 52.89
C LEU B 413 0.03 20.28 53.25
N TYR B 414 -0.41 19.26 53.98
CA TYR B 414 -1.81 19.13 54.32
C TYR B 414 -2.30 20.31 55.17
N SER B 415 -1.45 20.78 56.09
CA SER B 415 -1.85 21.86 56.99
C SER B 415 -2.04 23.17 56.23
N LEU B 416 -1.14 23.48 55.30
CA LEU B 416 -1.30 24.68 54.50
C LEU B 416 -2.57 24.64 53.66
N ILE B 417 -2.92 23.47 53.11
CA ILE B 417 -4.12 23.37 52.29
C ILE B 417 -5.36 23.67 53.12
N SER B 418 -5.35 23.30 54.40
CA SER B 418 -6.55 23.43 55.23
C SER B 418 -6.64 24.80 55.91
N THR B 419 -5.51 25.32 56.40
CA THR B 419 -5.54 26.58 57.14
C THR B 419 -5.99 27.73 56.25
N ALA B 420 -5.51 27.78 55.01
CA ALA B 420 -5.85 28.88 54.11
C ALA B 420 -7.11 28.48 53.34
N GLU B 421 -8.26 29.02 53.76
CA GLU B 421 -9.50 28.78 53.05
C GLU B 421 -9.49 29.50 51.71
N GLY B 422 -10.53 29.27 50.92
CA GLY B 422 -10.60 29.81 49.58
C GLY B 422 -9.50 29.25 48.68
N ASN B 423 -9.36 29.89 47.53
CA ASN B 423 -8.33 29.50 46.57
C ASN B 423 -7.01 30.22 46.78
N ASN B 424 -6.98 31.26 47.61
CA ASN B 424 -5.76 32.03 47.86
C ASN B 424 -4.95 31.33 48.94
N ILE B 425 -3.80 30.78 48.57
CA ILE B 425 -2.91 30.09 49.50
C ILE B 425 -1.79 31.04 49.90
N LYS B 426 -1.45 31.03 51.18
CA LYS B 426 -0.24 31.66 51.69
C LYS B 426 0.75 30.56 52.03
N TRP B 427 1.91 30.57 51.37
CA TRP B 427 2.95 29.57 51.59
C TRP B 427 4.20 30.29 52.08
N THR B 428 4.57 30.02 53.34
CA THR B 428 5.75 30.65 53.91
C THR B 428 7.00 30.20 53.16
N SER B 429 8.02 31.06 53.18
CA SER B 429 9.29 30.72 52.57
C SER B 429 9.96 29.52 53.24
N GLU B 430 9.52 29.18 54.45
CA GLU B 430 10.03 27.97 55.10
C GLU B 430 9.49 26.72 54.42
N HIS B 431 8.22 26.75 53.99
CA HIS B 431 7.65 25.62 53.26
C HIS B 431 8.43 25.33 51.99
N THR B 432 8.94 26.38 51.33
CA THR B 432 9.73 26.18 50.12
C THR B 432 11.00 25.40 50.42
N ARG B 433 11.60 25.64 51.58
CA ARG B 433 12.82 24.92 51.96
C ARG B 433 12.54 23.48 52.38
N TYR B 434 11.33 23.20 52.87
CA TYR B 434 10.97 21.85 53.29
C TYR B 434 10.61 20.96 52.12
N LEU B 435 10.39 21.56 50.95
CA LEU B 435 10.38 20.79 49.71
C LEU B 435 11.79 20.59 49.18
N GLU B 436 12.69 21.58 49.41
CA GLU B 436 14.07 21.44 48.95
C GLU B 436 14.72 20.18 49.52
N GLU B 437 14.31 19.76 50.72
CA GLU B 437 14.85 18.54 51.31
C GLU B 437 14.18 17.30 50.71
N ILE B 438 12.87 17.34 50.43
CA ILE B 438 12.19 16.15 49.94
C ILE B 438 12.69 15.77 48.55
N VAL B 439 13.12 16.74 47.74
CA VAL B 439 13.72 16.44 46.45
C VAL B 439 15.05 15.72 46.65
N SER B 440 15.98 16.37 47.35
CA SER B 440 17.31 15.83 47.52
C SER B 440 17.30 14.50 48.26
N ALA B 441 16.33 14.28 49.16
CA ALA B 441 16.28 13.04 49.92
C ALA B 441 15.94 11.86 49.02
N LEU B 442 15.05 12.06 48.05
CA LEU B 442 14.58 10.94 47.25
C LEU B 442 15.64 10.47 46.26
N ASN B 443 16.43 11.40 45.72
CA ASN B 443 17.33 11.05 44.62
C ASN B 443 18.61 10.37 45.12
N HIS B 444 19.08 10.74 46.31
CA HIS B 444 20.43 10.37 46.73
C HIS B 444 20.59 8.86 46.86
N ALA B 445 19.89 8.25 47.81
CA ALA B 445 20.13 6.84 48.08
C ALA B 445 19.00 6.19 48.87
N GLY B 446 17.89 6.90 49.06
CA GLY B 446 16.83 6.40 49.91
C GLY B 446 16.07 5.20 49.34
N ASN B 447 16.44 3.99 49.79
CA ASN B 447 15.74 2.76 49.41
C ASN B 447 15.70 2.56 47.90
N LEU B 448 16.80 2.87 47.22
CA LEU B 448 16.88 2.71 45.77
C LEU B 448 17.58 1.39 45.44
N GLU B 449 16.82 0.44 44.89
CA GLU B 449 17.39 -0.85 44.53
C GLU B 449 18.27 -0.71 43.29
N GLN B 450 19.39 -1.43 43.31
CA GLN B 450 20.25 -1.49 42.13
C GLN B 450 19.56 -2.28 41.02
N ARG B 451 19.94 -1.97 39.77
CA ARG B 451 19.34 -2.63 38.63
C ARG B 451 19.68 -4.11 38.62
N ASP B 452 18.65 -4.95 38.51
CA ASP B 452 18.82 -6.40 38.47
C ASP B 452 18.83 -6.82 37.01
N ASN B 453 19.96 -7.39 36.57
CA ASN B 453 20.11 -7.75 35.16
C ASN B 453 19.19 -8.90 34.75
N GLU B 454 18.65 -9.65 35.70
CA GLU B 454 17.79 -10.79 35.38
C GLU B 454 16.33 -10.39 35.22
N SER B 455 15.90 -9.27 35.80
CA SER B 455 14.48 -8.96 35.86
C SER B 455 14.10 -7.91 34.82
N PRO B 456 12.84 -7.89 34.40
CA PRO B 456 12.40 -6.87 33.44
C PRO B 456 12.30 -5.50 34.08
N LEU B 457 12.35 -4.48 33.23
CA LEU B 457 12.38 -3.09 33.66
C LEU B 457 11.00 -2.46 33.44
N VAL B 458 10.45 -1.88 34.50
CA VAL B 458 9.19 -1.14 34.44
C VAL B 458 9.49 0.35 34.52
N VAL B 459 8.89 1.12 33.62
CA VAL B 459 9.11 2.57 33.56
C VAL B 459 7.75 3.27 33.54
N LYS B 460 7.53 4.13 34.53
CA LYS B 460 6.32 4.95 34.63
C LYS B 460 6.70 6.40 34.37
N LEU B 461 6.11 7.00 33.35
CA LEU B 461 6.45 8.35 32.94
C LEU B 461 5.21 9.23 32.94
N ASN B 462 5.45 10.54 33.00
CA ASN B 462 4.40 11.55 33.01
C ASN B 462 5.08 12.89 32.79
N ALA B 463 4.28 13.91 32.51
CA ALA B 463 4.83 15.23 32.21
C ALA B 463 3.96 16.33 32.81
N SER B 464 4.59 17.45 33.11
CA SER B 464 3.91 18.68 33.51
C SER B 464 3.83 19.57 32.28
N PRO B 465 3.19 20.74 32.35
CA PRO B 465 3.22 21.64 31.18
C PRO B 465 4.61 22.04 30.73
N LYS B 466 5.52 22.32 31.68
CA LYS B 466 6.85 22.79 31.34
C LYS B 466 7.96 21.77 31.57
N THR B 467 7.71 20.71 32.33
CA THR B 467 8.72 19.71 32.63
C THR B 467 8.12 18.31 32.54
N GLY B 468 9.00 17.32 32.45
CA GLY B 468 8.57 15.94 32.40
C GLY B 468 9.27 15.10 33.45
N TYR B 469 8.55 14.11 33.97
CA TYR B 469 9.03 13.29 35.07
C TYR B 469 8.78 11.81 34.76
N ILE B 470 9.86 11.06 34.57
CA ILE B 470 9.78 9.61 34.40
C ILE B 470 10.48 8.96 35.58
N ARG B 471 10.20 7.67 35.78
CA ARG B 471 10.90 6.89 36.81
C ARG B 471 10.95 5.44 36.36
N TYR B 472 11.86 4.69 36.96
CA TYR B 472 12.14 3.31 36.58
C TYR B 472 12.20 2.43 37.81
N TYR B 473 11.54 1.27 37.75
CA TYR B 473 11.53 0.27 38.81
C TYR B 473 12.24 -1.02 38.34
N ASN B 474 11.98 -2.13 39.04
CA ASN B 474 12.51 -3.45 38.67
C ASN B 474 11.39 -4.47 38.89
N LYS B 475 10.55 -4.64 37.88
CA LYS B 475 9.52 -5.69 37.88
C LYS B 475 8.69 -5.69 39.16
N GLN B 478 10.70 -2.80 45.45
CA GLN B 478 9.92 -2.09 46.45
C GLN B 478 10.01 -0.57 46.26
N LYS B 479 10.88 -0.14 45.36
CA LYS B 479 11.17 1.27 45.18
C LYS B 479 11.99 1.43 43.90
N PRO B 480 12.03 2.64 43.34
CA PRO B 480 12.58 2.79 41.97
C PRO B 480 14.10 2.69 41.93
N ILE B 481 14.61 2.72 40.69
CA ILE B 481 16.04 2.68 40.40
C ILE B 481 16.54 4.11 40.30
N ALA B 482 16.07 4.84 39.29
CA ALA B 482 16.60 6.14 38.93
C ALA B 482 15.47 7.01 38.39
N TYR B 483 15.75 8.29 38.23
CA TYR B 483 14.76 9.29 37.89
C TYR B 483 15.17 9.98 36.59
N ALA B 484 14.28 10.84 36.08
CA ALA B 484 14.52 11.53 34.83
C ALA B 484 13.88 12.90 34.88
N SER B 485 14.34 13.79 33.99
CA SER B 485 13.85 15.15 33.95
C SER B 485 14.10 15.73 32.56
N HIS B 486 13.06 16.29 31.95
CA HIS B 486 13.18 17.00 30.70
C HIS B 486 12.41 18.32 30.76
N VAL B 487 13.09 19.41 30.40
CA VAL B 487 12.46 20.71 30.28
C VAL B 487 12.06 20.91 28.82
N PHE B 488 10.85 21.38 28.60
CA PHE B 488 10.32 21.52 27.25
C PHE B 488 10.85 22.81 26.61
N THR B 489 11.33 22.68 25.38
CA THR B 489 11.85 23.82 24.65
C THR B 489 10.72 24.77 24.25
N ASN B 490 11.08 25.87 23.60
CA ASN B 490 10.07 26.81 23.13
C ASN B 490 9.17 26.15 22.09
N THR B 491 9.74 25.28 21.25
CA THR B 491 8.93 24.51 20.31
C THR B 491 8.07 23.47 21.04
N GLU B 492 8.67 22.77 22.00
CA GLU B 492 7.93 21.74 22.73
C GLU B 492 6.89 22.33 23.66
N LEU B 493 7.13 23.53 24.18
CA LEU B 493 6.18 24.15 25.10
C LEU B 493 4.87 24.49 24.42
N LYS B 494 4.87 24.68 23.09
CA LYS B 494 3.65 25.01 22.37
C LYS B 494 2.83 23.79 21.99
N PHE B 495 3.32 22.58 22.27
CA PHE B 495 2.63 21.36 21.90
C PHE B 495 1.32 21.21 22.68
N THR B 496 0.54 20.22 22.28
CA THR B 496 -0.61 19.80 23.06
C THR B 496 -0.17 18.83 24.15
N PRO B 497 -0.91 18.73 25.26
CA PRO B 497 -0.45 17.90 26.38
C PRO B 497 -0.11 16.46 25.99
N LEU B 498 -0.87 15.88 25.07
CA LEU B 498 -0.51 14.59 24.49
C LEU B 498 0.90 14.62 23.92
N GLU B 499 1.16 15.59 23.03
CA GLU B 499 2.46 15.67 22.37
C GLU B 499 3.59 15.92 23.38
N LYS B 500 3.31 16.67 24.44
CA LYS B 500 4.26 16.80 25.53
C LYS B 500 4.54 15.44 26.17
N LEU B 501 3.48 14.76 26.60
CA LEU B 501 3.58 13.43 27.18
C LEU B 501 4.19 12.42 26.21
N LEU B 502 4.33 12.78 24.94
CA LEU B 502 4.83 11.86 23.94
C LEU B 502 6.34 11.97 23.76
N VAL B 503 6.89 13.18 23.82
CA VAL B 503 8.35 13.32 23.71
C VAL B 503 9.02 12.80 24.97
N THR B 504 8.36 12.94 26.14
CA THR B 504 8.92 12.39 27.36
C THR B 504 8.94 10.86 27.36
N MET B 505 8.14 10.23 26.50
CA MET B 505 8.22 8.78 26.36
C MET B 505 9.41 8.38 25.50
N HIS B 506 9.62 9.06 24.38
CA HIS B 506 10.80 8.82 23.54
C HIS B 506 12.07 8.90 24.36
N LYS B 507 12.20 9.93 25.19
CA LYS B 507 13.41 10.12 25.97
C LYS B 507 13.51 9.11 27.09
N ALA B 508 12.38 8.79 27.73
CA ALA B 508 12.37 7.73 28.72
C ALA B 508 12.67 6.37 28.11
N LEU B 509 12.49 6.23 26.80
CA LEU B 509 12.76 4.97 26.12
C LEU B 509 14.20 4.84 25.64
N ILE B 510 14.89 5.96 25.40
CA ILE B 510 16.32 5.88 25.11
C ILE B 510 17.08 5.41 26.34
N LYS B 511 16.77 5.98 27.51
CA LYS B 511 17.36 5.50 28.75
C LYS B 511 16.88 4.11 29.10
N ALA B 512 15.64 3.78 28.73
CA ALA B 512 15.10 2.45 29.03
C ALA B 512 15.90 1.38 28.33
N ILE B 513 16.12 1.53 27.02
CA ILE B 513 16.90 0.54 26.27
C ILE B 513 18.34 0.53 26.73
N ASP B 514 18.78 1.58 27.43
CA ASP B 514 20.13 1.58 28.01
C ASP B 514 20.14 0.80 29.32
N LEU B 515 19.26 1.17 30.26
CA LEU B 515 19.19 0.50 31.55
C LEU B 515 18.60 -0.90 31.46
N ALA B 516 18.13 -1.32 30.29
CA ALA B 516 17.55 -2.66 30.17
C ALA B 516 18.64 -3.73 30.12
N LEU B 517 19.72 -3.47 29.38
CA LEU B 517 20.78 -4.45 29.17
C LEU B 517 20.26 -5.69 28.46
N GLY B 518 19.14 -5.52 27.74
CA GLY B 518 18.57 -6.57 26.90
C GLY B 518 17.24 -7.10 27.38
N GLN B 519 16.86 -6.84 28.63
CA GLN B 519 15.67 -7.43 29.20
C GLN B 519 14.39 -6.84 28.60
N PRO B 520 13.26 -7.52 28.77
CA PRO B 520 11.98 -6.94 28.35
C PRO B 520 11.69 -5.63 29.06
N ILE B 521 10.74 -4.87 28.51
CA ILE B 521 10.41 -3.55 29.00
C ILE B 521 8.90 -3.42 29.12
N GLU B 522 8.47 -2.65 30.14
CA GLU B 522 7.06 -2.34 30.36
C GLU B 522 6.94 -0.85 30.60
N VAL B 523 6.25 -0.15 29.69
CA VAL B 523 6.09 1.30 29.77
C VAL B 523 4.72 1.61 30.34
N TYR B 524 4.67 2.54 31.29
CA TYR B 524 3.43 2.94 31.95
C TYR B 524 3.27 4.45 31.80
N SER B 525 2.20 4.87 31.13
CA SER B 525 2.00 6.28 30.82
C SER B 525 0.52 6.61 30.85
N PRO B 526 0.15 7.90 30.86
CA PRO B 526 -1.25 8.27 30.64
C PRO B 526 -1.67 8.24 29.17
N ILE B 527 -0.78 7.86 28.26
CA ILE B 527 -1.14 7.68 26.86
C ILE B 527 -1.86 6.35 26.69
N ILE B 528 -3.03 6.38 26.06
CA ILE B 528 -3.92 5.22 26.02
C ILE B 528 -3.73 4.40 24.75
N SER B 529 -3.90 5.04 23.58
CA SER B 529 -3.84 4.35 22.30
C SER B 529 -2.53 3.58 22.09
N MET B 530 -1.51 3.85 22.89
CA MET B 530 -0.32 3.01 22.88
C MET B 530 -0.67 1.56 23.15
N GLN B 531 -1.44 1.32 24.21
CA GLN B 531 -1.79 -0.04 24.60
C GLN B 531 -2.79 -0.65 23.63
N LYS B 532 -3.74 0.16 23.13
CA LYS B 532 -4.64 -0.33 22.10
C LYS B 532 -3.88 -0.72 20.83
N LEU B 533 -2.90 0.10 20.46
CA LEU B 533 -2.07 -0.25 19.30
C LEU B 533 -1.26 -1.52 19.56
N GLN B 534 -0.86 -1.75 20.81
CA GLN B 534 -0.12 -2.96 21.15
C GLN B 534 -0.92 -4.21 20.78
N LYS B 535 -2.09 -4.37 21.40
CA LYS B 535 -3.02 -5.45 21.04
C LYS B 535 -4.24 -4.83 20.39
N THR B 536 -4.29 -4.89 19.06
CA THR B 536 -5.42 -4.39 18.29
C THR B 536 -5.96 -5.54 17.44
N PRO B 537 -7.25 -5.87 17.55
CA PRO B 537 -7.77 -7.02 16.80
C PRO B 537 -7.82 -6.74 15.30
N LEU B 538 -7.62 -7.81 14.53
CA LEU B 538 -7.36 -7.70 13.09
C LEU B 538 -8.56 -7.24 12.25
N PRO B 539 -9.82 -7.44 12.66
CA PRO B 539 -10.91 -6.82 11.89
C PRO B 539 -10.84 -5.30 11.86
N GLU B 540 -10.23 -4.69 12.87
CA GLU B 540 -10.14 -3.24 12.97
C GLU B 540 -8.68 -2.77 12.93
N ARG B 541 -7.82 -3.53 12.26
CA ARG B 541 -6.40 -3.19 12.17
C ARG B 541 -6.23 -1.84 11.46
N LYS B 542 -6.58 -1.78 10.17
CA LYS B 542 -6.66 -0.53 9.43
C LYS B 542 -5.34 0.22 9.34
N ALA B 543 -5.41 1.50 8.99
CA ALA B 543 -4.24 2.34 8.75
C ALA B 543 -4.06 3.35 9.87
N LEU B 544 -2.81 3.82 10.02
CA LEU B 544 -2.41 4.60 11.17
C LEU B 544 -1.98 6.00 10.76
N SER B 545 -2.10 6.94 11.71
CA SER B 545 -1.68 8.33 11.54
C SER B 545 -0.21 8.51 11.87
N THR B 546 0.42 9.41 11.11
CA THR B 546 1.88 9.59 11.06
C THR B 546 2.59 9.43 12.40
N ARG B 547 2.04 10.00 13.46
CA ARG B 547 2.71 9.89 14.75
C ARG B 547 2.78 8.43 15.20
N TRP B 548 1.73 7.65 14.98
CA TRP B 548 1.73 6.27 15.48
C TRP B 548 2.60 5.31 14.68
N ILE B 549 3.24 5.74 13.58
CA ILE B 549 4.17 4.85 12.87
C ILE B 549 5.51 4.72 13.60
N THR B 550 6.14 5.85 13.96
CA THR B 550 7.42 5.76 14.66
C THR B 550 7.30 4.90 15.92
N TRP B 551 6.20 5.05 16.65
CA TRP B 551 5.98 4.27 17.86
C TRP B 551 5.50 2.86 17.54
N LEU B 552 4.97 2.64 16.34
CA LEU B 552 4.75 1.28 15.85
C LEU B 552 6.07 0.53 15.71
N SER B 553 7.09 1.20 15.19
CA SER B 553 8.41 0.58 15.09
C SER B 553 8.91 0.16 16.46
N TYR B 554 8.66 0.98 17.49
CA TYR B 554 8.93 0.58 18.85
C TYR B 554 7.95 -0.50 19.30
N LEU B 555 6.70 -0.43 18.82
CA LEU B 555 5.65 -1.34 19.29
C LEU B 555 5.83 -2.74 18.71
N GLU B 556 6.20 -2.84 17.43
CA GLU B 556 6.38 -4.13 16.79
C GLU B 556 7.40 -5.00 17.51
N ASP B 557 8.29 -4.39 18.30
CA ASP B 557 9.23 -5.10 19.17
C ASP B 557 8.46 -6.00 20.13
N PRO B 558 8.58 -7.33 19.99
CA PRO B 558 7.86 -8.23 20.90
C PRO B 558 8.41 -8.23 22.32
N ARG B 559 9.49 -7.50 22.57
CA ARG B 559 10.14 -7.50 23.88
C ARG B 559 9.54 -6.48 24.84
N ILE B 560 9.04 -5.35 24.33
CA ILE B 560 8.55 -4.27 25.18
C ILE B 560 7.04 -4.15 25.00
N THR B 561 6.36 -3.83 26.11
CA THR B 561 4.90 -3.76 26.15
C THR B 561 4.48 -2.43 26.75
N PHE B 562 3.43 -1.84 26.20
CA PHE B 562 2.94 -0.53 26.62
C PHE B 562 1.63 -0.68 27.39
N TYR B 563 1.51 0.04 28.49
CA TYR B 563 0.32 0.01 29.34
C TYR B 563 -0.12 1.43 29.69
N TYR B 564 -1.37 1.52 30.13
CA TYR B 564 -1.93 2.73 30.71
C TYR B 564 -2.59 2.36 32.02
N ASP B 565 -2.19 3.03 33.10
CA ASP B 565 -2.67 2.69 34.43
C ASP B 565 -3.56 3.75 35.07
N LYS B 566 -3.54 4.99 34.56
CA LYS B 566 -4.26 6.11 35.17
C LYS B 566 -3.76 6.40 36.59
N THR B 567 -2.59 7.02 36.70
CA THR B 567 -2.06 7.45 37.98
C THR B 567 -1.22 8.71 37.76
N LEU B 568 -1.26 9.61 38.74
CA LEU B 568 -0.48 10.86 38.79
C LEU B 568 -0.94 11.90 37.79
N PRO B 569 -2.10 12.54 37.97
CA PRO B 569 -2.41 13.73 37.19
C PRO B 569 -1.75 14.96 37.81
N ASP B 570 -1.20 15.83 36.96
CA ASP B 570 -0.47 17.03 37.40
C ASP B 570 -0.57 18.09 36.30
N LEU B 571 -1.79 18.56 36.08
CA LEU B 571 -2.06 19.51 35.01
C LEU B 571 -1.39 20.86 35.26
N LYS B 572 -1.05 21.19 36.52
CA LYS B 572 -0.49 22.50 36.85
C LYS B 572 0.58 22.33 37.95
N ASN B 573 1.76 21.89 37.53
CA ASN B 573 2.92 21.80 38.40
C ASN B 573 3.91 22.86 37.96
N VAL B 574 4.34 23.71 38.89
CA VAL B 574 5.24 24.81 38.54
C VAL B 574 6.53 24.26 37.96
N PRO B 575 7.14 24.90 36.97
CA PRO B 575 8.30 24.31 36.27
C PRO B 575 9.50 24.07 37.16
N GLU B 576 10.53 23.45 36.60
CA GLU B 576 11.76 23.24 37.32
C GLU B 576 12.49 24.56 37.54
N THR B 577 13.40 24.57 38.52
CA THR B 577 14.17 25.76 38.80
C THR B 577 15.09 26.11 37.62
N VAL B 578 15.36 27.40 37.46
CA VAL B 578 16.22 27.86 36.38
C VAL B 578 17.65 27.96 36.85
#